data_3QFF
#
_entry.id   3QFF
#
_cell.length_a   57.421
_cell.length_b   82.089
_cell.length_c   166.768
_cell.angle_alpha   90.000
_cell.angle_beta   90.000
_cell.angle_gamma   90.000
#
_symmetry.space_group_name_H-M   'P 21 21 21'
#
loop_
_entity.id
_entity.type
_entity.pdbx_description
1 polymer 'N5-carboxyaminoimidazole ribonucleotide synthetase'
2 non-polymer "ADENOSINE-5'-DIPHOSPHATE"
3 water water
#
_entity_poly.entity_id   1
_entity_poly.type   'polypeptide(L)'
_entity_poly.pdbx_seq_one_letter_code
;GSHMLDMTRIILPGKTIGIIGGGQLGRMMALAAKEMGYKIAVLDPTKNSPCAQVADIEIVASYDDLKAIQHLAEISDVVT
YEFENIDYRCLQWLEKHAYLPQGSQLLSKTQNRFTEKNAIEKAGLPVATYRLVQNQEQLTEAIAELSYPSVLKTTTGGYD
GKGQVVLRSEADVDEARKLANAAECILEKWVPFEKEVSVIVIRSVSGETKVFPVAENIHVNNILHESIVPARITEELSQK
AIAYAKVLADELELVGTLAVEMFATADGEIYINELAPRPHNSGHYTQDACETSQFGQHIRAICNLPLGETNLLKPVVMVN
ILGEHIEGVLRQVNRLTGCYLHLYGKEEAKAQRKMGHVNILNDNIEVALEKAKSLHIWDHQEQLLEGKR
;
_entity_poly.pdbx_strand_id   A,B
#
# COMPACT_ATOMS: atom_id res chain seq x y z
N MET A 7 -7.82 -23.53 12.58
CA MET A 7 -8.91 -23.05 13.49
C MET A 7 -9.90 -22.17 12.73
N THR A 8 -11.06 -21.97 13.33
CA THR A 8 -12.15 -21.24 12.70
C THR A 8 -12.16 -19.75 13.08
N ARG A 9 -11.34 -19.37 14.06
CA ARG A 9 -11.39 -17.99 14.63
C ARG A 9 -10.88 -16.90 13.68
N ILE A 10 -11.80 -16.01 13.30
CA ILE A 10 -11.52 -14.93 12.36
C ILE A 10 -11.64 -13.59 13.06
N ILE A 11 -10.67 -12.71 12.81
CA ILE A 11 -10.70 -11.33 13.32
C ILE A 11 -11.10 -10.39 12.17
N LEU A 12 -12.33 -9.91 12.22
CA LEU A 12 -12.90 -9.13 11.12
C LEU A 12 -12.43 -7.70 11.04
N PRO A 13 -12.38 -7.14 9.82
CA PRO A 13 -12.17 -5.70 9.65
C PRO A 13 -13.02 -4.91 10.62
N GLY A 14 -12.43 -3.86 11.21
CA GLY A 14 -13.15 -3.04 12.19
C GLY A 14 -12.65 -3.31 13.60
N LYS A 15 -12.07 -4.48 13.82
CA LYS A 15 -11.48 -4.81 15.12
C LYS A 15 -10.11 -4.14 15.25
N THR A 16 -9.55 -4.20 16.46
CA THR A 16 -8.26 -3.59 16.77
C THR A 16 -7.16 -4.64 16.78
N ILE A 17 -6.12 -4.36 16.01
CA ILE A 17 -4.89 -5.11 16.09
C ILE A 17 -3.88 -4.35 16.94
N GLY A 18 -3.40 -5.03 17.98
CA GLY A 18 -2.39 -4.50 18.89
C GLY A 18 -1.01 -5.02 18.55
N ILE A 19 -0.07 -4.10 18.47
CA ILE A 19 1.30 -4.43 18.07
C ILE A 19 2.28 -4.09 19.19
N ILE A 20 3.09 -5.08 19.58
CA ILE A 20 4.16 -4.86 20.54
C ILE A 20 5.44 -4.47 19.78
N GLY A 21 5.82 -3.21 19.91
CA GLY A 21 6.98 -2.67 19.23
C GLY A 21 6.51 -1.71 18.16
N GLY A 22 7.03 -0.49 18.17
CA GLY A 22 6.50 0.57 17.31
C GLY A 22 7.46 1.08 16.26
N GLY A 23 8.45 0.25 15.91
CA GLY A 23 9.41 0.59 14.86
C GLY A 23 8.82 0.43 13.45
N GLN A 24 9.67 0.43 12.45
CA GLN A 24 9.16 0.44 11.06
C GLN A 24 8.34 -0.80 10.68
N LEU A 25 8.64 -1.95 11.28
CA LEU A 25 7.90 -3.16 10.94
C LEU A 25 6.47 -3.04 11.46
N GLY A 26 6.34 -2.51 12.66
CA GLY A 26 5.04 -2.13 13.19
C GLY A 26 4.29 -1.12 12.32
N ARG A 27 4.96 -0.06 11.90
CA ARG A 27 4.32 0.95 11.04
C ARG A 27 3.78 0.34 9.74
N MET A 28 4.61 -0.47 9.10
CA MET A 28 4.20 -1.10 7.84
C MET A 28 3.09 -2.15 7.99
N MET A 29 3.10 -2.91 9.08
CA MET A 29 1.98 -3.82 9.40
C MET A 29 0.70 -2.97 9.54
N ALA A 30 0.85 -1.85 10.25
CA ALA A 30 -0.29 -1.00 10.61
C ALA A 30 -0.89 -0.31 9.38
N LEU A 31 -0.03 0.10 8.45
CA LEU A 31 -0.49 0.68 7.18
C LEU A 31 -1.28 -0.34 6.34
N ALA A 32 -0.79 -1.58 6.31
CA ALA A 32 -1.47 -2.68 5.61
C ALA A 32 -2.82 -2.96 6.25
N ALA A 33 -2.86 -2.95 7.58
CA ALA A 33 -4.08 -3.29 8.32
C ALA A 33 -5.15 -2.21 8.12
N LYS A 34 -4.69 -0.96 8.04
CA LYS A 34 -5.57 0.19 7.89
C LYS A 34 -6.30 0.16 6.53
N GLU A 35 -5.62 -0.31 5.47
CA GLU A 35 -6.25 -0.43 4.15
C GLU A 35 -7.48 -1.34 4.20
N MET A 36 -7.40 -2.35 5.06
CA MET A 36 -8.44 -3.34 5.23
C MET A 36 -9.42 -2.96 6.33
N GLY A 37 -9.28 -1.76 6.88
CA GLY A 37 -10.22 -1.19 7.82
C GLY A 37 -10.07 -1.66 9.25
N TYR A 38 -8.87 -2.12 9.62
CA TYR A 38 -8.55 -2.42 11.01
C TYR A 38 -8.15 -1.18 11.79
N LYS A 39 -8.42 -1.20 13.09
CA LYS A 39 -7.94 -0.19 14.02
C LYS A 39 -6.62 -0.71 14.62
N ILE A 40 -5.73 0.18 15.00
CA ILE A 40 -4.40 -0.19 15.46
C ILE A 40 -4.06 0.37 16.83
N ALA A 41 -3.62 -0.49 17.74
CA ALA A 41 -3.02 -0.06 19.01
C ALA A 41 -1.56 -0.50 19.03
N VAL A 42 -0.67 0.35 19.53
CA VAL A 42 0.75 0.00 19.61
C VAL A 42 1.30 0.28 21.00
N LEU A 43 2.20 -0.58 21.46
CA LEU A 43 3.00 -0.34 22.67
C LEU A 43 4.48 -0.23 22.31
N ASP A 44 5.13 0.79 22.84
CA ASP A 44 6.52 1.12 22.52
C ASP A 44 7.08 2.06 23.60
N PRO A 45 8.37 1.88 23.97
CA PRO A 45 9.04 2.70 24.99
C PRO A 45 9.13 4.20 24.67
N THR A 46 9.12 4.55 23.39
CA THR A 46 9.29 5.95 22.97
C THR A 46 7.99 6.49 22.41
N LYS A 47 7.66 7.73 22.74
CA LYS A 47 6.50 8.42 22.18
C LYS A 47 6.71 8.77 20.70
N ASN A 48 5.62 8.91 19.96
CA ASN A 48 5.65 9.27 18.54
C ASN A 48 6.52 8.32 17.70
N SER A 49 6.51 7.02 18.04
CA SER A 49 7.24 6.01 17.25
C SER A 49 6.71 5.96 15.81
N PRO A 50 7.46 5.34 14.88
CA PRO A 50 6.96 5.17 13.52
C PRO A 50 5.57 4.54 13.48
N CYS A 51 5.32 3.53 14.31
CA CYS A 51 4.01 2.86 14.28
C CYS A 51 2.93 3.74 14.91
N ALA A 52 3.25 4.41 16.01
CA ALA A 52 2.30 5.33 16.65
C ALA A 52 1.81 6.43 15.72
N GLN A 53 2.64 6.81 14.76
CA GLN A 53 2.26 7.83 13.77
C GLN A 53 1.12 7.38 12.86
N VAL A 54 0.81 6.09 12.89
CA VAL A 54 -0.29 5.54 12.13
C VAL A 54 -1.31 4.83 13.04
N ALA A 55 -1.08 4.82 14.35
CA ALA A 55 -1.95 4.07 15.26
C ALA A 55 -3.11 4.91 15.79
N ASP A 56 -4.20 4.25 16.15
CA ASP A 56 -5.35 4.90 16.77
C ASP A 56 -5.10 5.08 18.26
N ILE A 57 -4.44 4.09 18.85
CA ILE A 57 -4.08 4.12 20.28
C ILE A 57 -2.58 3.88 20.48
N GLU A 58 -1.96 4.69 21.33
CA GLU A 58 -0.54 4.57 21.66
C GLU A 58 -0.35 4.36 23.16
N ILE A 59 0.34 3.28 23.54
CA ILE A 59 0.78 3.07 24.92
C ILE A 59 2.30 3.19 25.02
N VAL A 60 2.75 4.18 25.78
CA VAL A 60 4.18 4.43 25.91
C VAL A 60 4.66 3.77 27.20
N ALA A 61 5.31 2.60 27.05
CA ALA A 61 5.83 1.81 28.19
C ALA A 61 6.97 0.86 27.79
N SER A 62 7.67 0.32 28.79
CA SER A 62 8.71 -0.69 28.60
C SER A 62 8.13 -2.02 28.14
N TYR A 63 8.91 -2.77 27.37
CA TYR A 63 8.47 -4.06 26.87
C TYR A 63 8.33 -5.14 27.98
N ASP A 64 8.92 -4.89 29.15
CA ASP A 64 8.83 -5.83 30.28
C ASP A 64 7.81 -5.40 31.33
N ASP A 65 7.08 -4.31 31.04
CA ASP A 65 6.07 -3.77 31.93
C ASP A 65 4.76 -4.54 31.73
N LEU A 66 4.55 -5.56 32.56
CA LEU A 66 3.42 -6.49 32.36
C LEU A 66 2.06 -5.80 32.40
N LYS A 67 1.89 -4.81 33.28
CA LYS A 67 0.66 -4.01 33.34
C LYS A 67 0.34 -3.32 32.01
N ALA A 68 1.36 -2.75 31.37
CA ALA A 68 1.16 -2.09 30.08
C ALA A 68 0.85 -3.10 28.98
N ILE A 69 1.58 -4.21 28.95
CA ILE A 69 1.30 -5.33 28.04
C ILE A 69 -0.16 -5.78 28.21
N GLN A 70 -0.61 -5.85 29.46
CA GLN A 70 -1.98 -6.21 29.79
C GLN A 70 -2.97 -5.18 29.27
N HIS A 71 -2.63 -3.90 29.41
CA HIS A 71 -3.49 -2.84 28.91
C HIS A 71 -3.64 -2.92 27.37
N LEU A 72 -2.55 -3.17 26.66
CA LEU A 72 -2.61 -3.39 25.21
C LEU A 72 -3.50 -4.56 24.86
N ALA A 73 -3.32 -5.67 25.55
CA ALA A 73 -4.09 -6.86 25.28
C ALA A 73 -5.58 -6.62 25.49
N GLU A 74 -5.89 -5.91 26.58
CA GLU A 74 -7.28 -5.59 27.00
C GLU A 74 -8.09 -4.83 25.97
N ILE A 75 -7.41 -4.10 25.10
CA ILE A 75 -8.10 -3.28 24.12
C ILE A 75 -7.88 -3.77 22.68
N SER A 76 -7.24 -4.94 22.56
CA SER A 76 -6.92 -5.53 21.26
C SER A 76 -7.70 -6.82 21.02
N ASP A 77 -8.24 -6.98 19.82
CA ASP A 77 -8.89 -8.23 19.41
C ASP A 77 -7.90 -9.31 18.96
N VAL A 78 -6.72 -8.87 18.52
CA VAL A 78 -5.61 -9.78 18.20
C VAL A 78 -4.32 -9.03 18.51
N VAL A 79 -3.35 -9.74 19.05
CA VAL A 79 -2.03 -9.16 19.37
C VAL A 79 -0.94 -9.80 18.50
N THR A 80 -0.06 -8.98 17.94
CA THR A 80 1.15 -9.43 17.27
C THR A 80 2.32 -8.61 17.79
N TYR A 81 3.54 -8.97 17.38
CA TYR A 81 4.73 -8.27 17.84
C TYR A 81 5.68 -7.97 16.70
N GLU A 82 6.40 -6.87 16.84
CA GLU A 82 7.60 -6.59 16.04
C GLU A 82 8.81 -6.85 16.94
N PHE A 83 8.69 -6.44 18.20
CA PHE A 83 9.77 -6.62 19.17
C PHE A 83 9.77 -8.07 19.62
N GLU A 84 10.94 -8.70 19.51
CA GLU A 84 11.06 -10.15 19.69
C GLU A 84 11.46 -10.58 21.11
N ASN A 85 12.15 -9.71 21.82
CA ASN A 85 12.70 -10.07 23.12
C ASN A 85 11.71 -9.89 24.29
N ILE A 86 10.47 -10.34 24.08
CA ILE A 86 9.44 -10.32 25.11
C ILE A 86 9.77 -11.45 26.09
N ASP A 87 9.79 -11.18 27.39
CA ASP A 87 10.12 -12.26 28.32
C ASP A 87 8.97 -13.27 28.49
N TYR A 88 9.30 -14.44 29.03
CA TYR A 88 8.32 -15.51 29.12
C TYR A 88 7.06 -15.20 29.92
N ARG A 89 7.15 -14.47 31.04
CA ARG A 89 5.94 -14.17 31.81
C ARG A 89 4.92 -13.34 31.04
N CYS A 90 5.40 -12.43 30.21
CA CYS A 90 4.55 -11.60 29.36
C CYS A 90 4.02 -12.40 28.18
N LEU A 91 4.88 -13.23 27.56
CA LEU A 91 4.42 -14.09 26.44
C LEU A 91 3.36 -15.09 26.88
N GLN A 92 3.55 -15.73 28.05
CA GLN A 92 2.56 -16.69 28.53
C GLN A 92 1.25 -15.96 28.85
N TRP A 93 1.36 -14.79 29.47
CA TRP A 93 0.13 -14.05 29.80
C TRP A 93 -0.69 -13.78 28.53
N LEU A 94 -0.03 -13.23 27.52
CA LEU A 94 -0.68 -12.94 26.23
C LEU A 94 -1.27 -14.17 25.58
N GLU A 95 -0.49 -15.24 25.53
CA GLU A 95 -0.92 -16.48 24.89
C GLU A 95 -2.17 -17.06 25.54
N LYS A 96 -2.27 -16.95 26.85
CA LYS A 96 -3.38 -17.57 27.54
C LYS A 96 -4.54 -16.62 27.88
N HIS A 97 -4.27 -15.33 28.03
CA HIS A 97 -5.32 -14.39 28.44
C HIS A 97 -5.68 -13.33 27.39
N ALA A 98 -4.90 -13.26 26.31
CA ALA A 98 -5.27 -12.45 25.16
C ALA A 98 -5.35 -13.38 23.96
N TYR A 99 -5.49 -12.79 22.78
CA TYR A 99 -5.46 -13.58 21.56
C TYR A 99 -4.14 -13.34 20.80
N LEU A 100 -3.20 -14.28 20.98
CA LEU A 100 -1.87 -14.25 20.35
C LEU A 100 -1.71 -15.52 19.50
N PRO A 101 -2.29 -15.54 18.29
CA PRO A 101 -2.30 -16.72 17.41
C PRO A 101 -0.91 -17.21 17.02
N GLN A 102 0.09 -16.33 17.04
CA GLN A 102 1.48 -16.73 16.75
C GLN A 102 2.06 -17.68 17.79
N GLY A 103 1.57 -17.56 19.02
CA GLY A 103 2.05 -18.39 20.13
C GLY A 103 3.42 -17.92 20.60
N SER A 104 3.99 -18.65 21.54
CA SER A 104 5.29 -18.29 22.12
C SER A 104 6.40 -19.30 21.80
N GLN A 105 6.01 -20.48 21.30
CA GLN A 105 6.96 -21.58 21.11
C GLN A 105 7.99 -21.26 20.03
N LEU A 106 7.50 -20.78 18.88
CA LEU A 106 8.38 -20.44 17.78
C LEU A 106 9.31 -19.29 18.13
N LEU A 107 8.74 -18.24 18.71
CA LEU A 107 9.55 -17.10 19.14
C LEU A 107 10.67 -17.54 20.09
N SER A 108 10.36 -18.37 21.09
CA SER A 108 11.38 -18.85 22.04
C SER A 108 12.53 -19.62 21.37
N LYS A 109 12.19 -20.46 20.39
CA LYS A 109 13.20 -21.20 19.64
C LYS A 109 14.16 -20.30 18.84
N THR A 110 13.63 -19.24 18.23
CA THR A 110 14.44 -18.37 17.35
C THR A 110 15.27 -17.36 18.14
N GLN A 111 15.06 -17.30 19.45
CA GLN A 111 15.75 -16.30 20.28
C GLN A 111 17.15 -16.73 20.74
N ASN A 112 17.47 -18.00 20.54
CA ASN A 112 18.74 -18.56 20.95
C ASN A 112 19.33 -19.33 19.77
N ARG A 113 20.52 -18.93 19.32
CA ARG A 113 21.15 -19.52 18.12
C ARG A 113 21.33 -21.02 18.21
N PHE A 114 21.65 -21.50 19.41
CA PHE A 114 21.79 -22.95 19.62
C PHE A 114 20.46 -23.67 19.56
N THR A 115 19.48 -23.19 20.32
CA THR A 115 18.11 -23.75 20.27
C THR A 115 17.59 -23.73 18.82
N GLU A 116 17.88 -22.64 18.12
CA GLU A 116 17.42 -22.41 16.76
C GLU A 116 17.98 -23.48 15.80
N LYS A 117 19.29 -23.68 15.82
CA LYS A 117 19.92 -24.72 14.99
C LYS A 117 19.42 -26.14 15.30
N ASN A 118 19.23 -26.44 16.58
CA ASN A 118 18.67 -27.74 17.00
C ASN A 118 17.28 -27.95 16.41
N ALA A 119 16.46 -26.90 16.48
CA ALA A 119 15.10 -26.97 15.97
C ALA A 119 15.12 -27.21 14.48
N ILE A 120 16.01 -26.49 13.77
CA ILE A 120 16.13 -26.67 12.30
C ILE A 120 16.52 -28.11 11.95
N GLU A 121 17.56 -28.61 12.60
CA GLU A 121 18.03 -29.99 12.35
C GLU A 121 16.96 -31.02 12.70
N LYS A 122 16.25 -30.80 13.80
CA LYS A 122 15.16 -31.70 14.19
C LYS A 122 14.01 -31.66 13.20
N ALA A 123 13.86 -30.55 12.48
CA ALA A 123 12.89 -30.44 11.40
C ALA A 123 13.38 -31.10 10.11
N GLY A 124 14.62 -31.61 10.11
CA GLY A 124 15.16 -32.36 8.97
C GLY A 124 15.94 -31.53 7.94
N LEU A 125 16.38 -30.33 8.33
CA LEU A 125 17.01 -29.40 7.39
C LEU A 125 18.49 -29.13 7.71
N PRO A 126 19.31 -28.84 6.68
CA PRO A 126 20.76 -28.70 6.90
C PRO A 126 21.19 -27.33 7.47
N VAL A 127 22.15 -27.38 8.38
CA VAL A 127 22.80 -26.18 8.92
C VAL A 127 24.31 -26.44 8.91
N ALA A 128 25.10 -25.37 8.97
CA ALA A 128 26.55 -25.51 9.13
C ALA A 128 26.81 -26.25 10.43
N THR A 129 27.86 -27.06 10.44
CA THR A 129 28.20 -27.84 11.61
C THR A 129 28.60 -26.87 12.73
N TYR A 130 28.16 -27.17 13.94
CA TYR A 130 28.25 -26.19 15.03
C TYR A 130 28.43 -26.89 16.37
N ARG A 131 29.00 -26.15 17.33
CA ARG A 131 29.19 -26.62 18.70
C ARG A 131 28.82 -25.52 19.70
N LEU A 132 28.12 -25.92 20.76
CA LEU A 132 27.82 -25.00 21.85
C LEU A 132 29.11 -24.69 22.62
N VAL A 133 29.31 -23.41 22.95
CA VAL A 133 30.48 -22.98 23.72
C VAL A 133 30.04 -22.20 24.96
N GLN A 134 30.18 -22.85 26.11
CA GLN A 134 29.77 -22.25 27.39
C GLN A 134 30.98 -21.90 28.27
N ASN A 135 32.15 -22.43 27.93
CA ASN A 135 33.40 -22.07 28.60
C ASN A 135 34.61 -22.21 27.70
N GLN A 136 35.78 -21.89 28.24
CA GLN A 136 37.03 -21.94 27.49
C GLN A 136 37.39 -23.34 27.04
N GLU A 137 37.16 -24.33 27.90
CA GLU A 137 37.42 -25.72 27.54
C GLU A 137 36.62 -26.15 26.31
N GLN A 138 35.33 -25.77 26.29
CA GLN A 138 34.46 -26.10 25.16
C GLN A 138 34.87 -25.37 23.89
N LEU A 139 35.36 -24.14 24.02
CA LEU A 139 35.87 -23.39 22.88
C LEU A 139 37.10 -24.09 22.31
N THR A 140 38.01 -24.50 23.18
CA THR A 140 39.21 -25.21 22.77
C THR A 140 38.86 -26.49 22.00
N GLU A 141 37.97 -27.30 22.57
CA GLU A 141 37.50 -28.53 21.93
C GLU A 141 36.80 -28.26 20.58
N ALA A 142 36.00 -27.20 20.53
CA ALA A 142 35.26 -26.83 19.31
C ALA A 142 36.22 -26.46 18.18
N ILE A 143 37.17 -25.58 18.45
CA ILE A 143 38.25 -25.27 17.49
C ILE A 143 38.91 -26.54 16.96
N ALA A 144 39.22 -27.48 17.87
CA ALA A 144 39.84 -28.74 17.50
C ALA A 144 38.99 -29.54 16.53
N GLU A 145 37.70 -29.70 16.86
CA GLU A 145 36.76 -30.50 16.05
C GLU A 145 36.45 -29.87 14.69
N LEU A 146 36.21 -28.56 14.67
CA LEU A 146 35.72 -27.88 13.47
C LEU A 146 36.83 -27.27 12.60
N SER A 147 37.98 -27.01 13.22
CA SER A 147 39.15 -26.43 12.55
C SER A 147 38.88 -25.02 11.99
N TYR A 148 39.84 -24.51 11.23
CA TYR A 148 39.72 -23.19 10.61
C TYR A 148 39.32 -23.29 9.13
N PRO A 149 38.57 -22.30 8.62
CA PRO A 149 38.01 -21.16 9.34
C PRO A 149 36.67 -21.46 10.05
N SER A 150 36.32 -20.59 11.00
CA SER A 150 35.11 -20.74 11.81
C SER A 150 34.61 -19.40 12.29
N VAL A 151 33.40 -19.40 12.85
CA VAL A 151 32.81 -18.19 13.38
C VAL A 151 32.23 -18.46 14.78
N LEU A 152 32.65 -17.65 15.74
CA LEU A 152 32.09 -17.69 17.08
C LEU A 152 31.07 -16.59 17.23
N LYS A 153 29.82 -16.96 17.52
CA LYS A 153 28.75 -15.98 17.71
C LYS A 153 28.10 -16.20 19.07
N THR A 154 27.62 -15.13 19.70
CA THR A 154 26.86 -15.26 20.93
C THR A 154 25.50 -15.91 20.63
N THR A 155 24.99 -16.72 21.55
CA THR A 155 23.72 -17.42 21.33
C THR A 155 22.51 -16.48 21.39
N THR A 156 22.62 -15.40 22.16
CA THR A 156 21.49 -14.48 22.33
C THR A 156 21.89 -13.03 22.12
N GLY A 157 20.87 -12.17 22.05
CA GLY A 157 21.01 -10.72 22.02
C GLY A 157 22.00 -10.24 20.99
N GLY A 158 21.63 -10.34 19.71
CA GLY A 158 22.45 -9.82 18.62
C GLY A 158 22.42 -8.29 18.61
N TYR A 159 22.18 -7.69 17.44
CA TYR A 159 22.03 -8.38 16.17
C TYR A 159 23.11 -7.75 15.30
N ASP A 160 24.35 -7.93 15.74
CA ASP A 160 25.44 -6.99 15.49
C ASP A 160 26.61 -7.58 14.70
N GLY A 161 27.71 -6.85 14.69
CA GLY A 161 29.00 -7.34 14.22
C GLY A 161 29.91 -7.62 15.40
N LYS A 162 29.63 -6.96 16.53
CA LYS A 162 30.39 -7.12 17.79
C LYS A 162 30.18 -8.50 18.41
N GLY A 163 28.93 -8.99 18.39
CA GLY A 163 28.59 -10.29 18.97
C GLY A 163 29.21 -11.50 18.29
N GLN A 164 30.17 -11.29 17.40
CA GLN A 164 30.88 -12.39 16.73
C GLN A 164 32.36 -12.15 16.44
N VAL A 165 33.10 -13.25 16.26
CA VAL A 165 34.54 -13.24 15.97
C VAL A 165 34.85 -14.34 14.96
N VAL A 166 35.44 -13.96 13.83
CA VAL A 166 35.79 -14.93 12.78
C VAL A 166 37.20 -15.48 13.02
N LEU A 167 37.30 -16.80 13.12
CA LEU A 167 38.56 -17.46 13.42
C LEU A 167 39.19 -18.07 12.15
N ARG A 168 40.13 -17.34 11.58
CA ARG A 168 40.85 -17.80 10.38
C ARG A 168 42.15 -18.51 10.76
N SER A 169 42.79 -18.02 11.82
CA SER A 169 44.03 -18.59 12.31
C SER A 169 44.07 -18.60 13.84
N GLU A 170 45.02 -19.36 14.42
CA GLU A 170 45.25 -19.37 15.87
C GLU A 170 45.45 -17.96 16.43
N ALA A 171 45.81 -17.04 15.54
CA ALA A 171 45.99 -15.62 15.88
C ALA A 171 44.68 -14.93 16.26
N ASP A 172 43.55 -15.52 15.90
CA ASP A 172 42.24 -14.96 16.25
C ASP A 172 41.64 -15.53 17.54
N VAL A 173 42.24 -16.62 18.04
CA VAL A 173 41.74 -17.34 19.22
C VAL A 173 41.62 -16.46 20.46
N ASP A 174 42.55 -15.53 20.61
CA ASP A 174 42.57 -14.66 21.78
C ASP A 174 41.38 -13.73 21.86
N GLU A 175 40.99 -13.16 20.71
CA GLU A 175 39.77 -12.34 20.64
C GLU A 175 38.51 -13.19 20.86
N ALA A 176 38.55 -14.45 20.43
CA ALA A 176 37.47 -15.41 20.63
C ALA A 176 37.27 -15.79 22.10
N ARG A 177 38.38 -16.09 22.80
CA ARG A 177 38.34 -16.37 24.24
C ARG A 177 37.69 -15.23 25.01
N LYS A 178 38.01 -14.00 24.61
CA LYS A 178 37.44 -12.80 25.19
C LYS A 178 35.92 -12.84 25.06
N LEU A 179 35.44 -13.22 23.88
CA LEU A 179 34.01 -13.31 23.61
C LEU A 179 33.35 -14.43 24.40
N ALA A 180 33.96 -15.62 24.37
CA ALA A 180 33.47 -16.76 25.14
C ALA A 180 33.46 -16.48 26.65
N ASN A 181 34.24 -15.48 27.07
CA ASN A 181 34.30 -15.08 28.47
C ASN A 181 33.13 -14.22 28.91
N ALA A 182 32.59 -13.42 27.99
CA ALA A 182 31.48 -12.50 28.29
C ALA A 182 30.10 -13.11 28.06
N ALA A 183 30.01 -14.12 27.19
CA ALA A 183 28.70 -14.68 26.80
C ALA A 183 28.76 -16.13 26.36
N GLU A 184 27.61 -16.79 26.47
CA GLU A 184 27.40 -18.10 25.88
C GLU A 184 27.40 -17.94 24.36
N CYS A 185 28.14 -18.84 23.71
CA CYS A 185 28.36 -18.79 22.27
C CYS A 185 28.10 -20.10 21.55
N ILE A 186 28.15 -20.00 20.22
CA ILE A 186 28.15 -21.13 19.34
C ILE A 186 29.33 -20.93 18.39
N LEU A 187 30.05 -21.99 18.07
CA LEU A 187 31.04 -21.95 17.00
C LEU A 187 30.54 -22.74 15.81
N GLU A 188 30.57 -22.11 14.63
CA GLU A 188 30.10 -22.73 13.39
C GLU A 188 31.23 -22.87 12.38
N LYS A 189 31.23 -23.99 11.64
CA LYS A 189 32.10 -24.13 10.48
C LYS A 189 31.82 -23.04 9.47
N TRP A 190 32.88 -22.48 8.91
CA TRP A 190 32.78 -21.50 7.84
C TRP A 190 32.17 -22.17 6.61
N VAL A 191 31.10 -21.57 6.10
CA VAL A 191 30.45 -22.08 4.89
C VAL A 191 30.98 -21.26 3.73
N PRO A 192 31.64 -21.93 2.76
CA PRO A 192 32.07 -21.24 1.54
C PRO A 192 30.87 -21.08 0.60
N PHE A 193 30.14 -19.98 0.73
CA PHE A 193 28.94 -19.80 -0.08
C PHE A 193 29.17 -18.79 -1.19
N GLU A 194 28.39 -18.95 -2.26
CA GLU A 194 28.34 -18.00 -3.36
C GLU A 194 27.42 -16.81 -3.02
N LYS A 195 26.19 -17.11 -2.60
CA LYS A 195 25.15 -16.09 -2.37
C LYS A 195 24.47 -16.29 -1.00
N GLU A 196 24.07 -15.18 -0.38
CA GLU A 196 23.09 -15.21 0.72
C GLU A 196 21.68 -15.02 0.19
N VAL A 197 20.78 -15.93 0.56
CA VAL A 197 19.41 -15.86 0.06
C VAL A 197 18.41 -15.95 1.21
N SER A 198 17.21 -15.41 1.01
CA SER A 198 16.16 -15.57 1.99
C SER A 198 14.80 -15.80 1.34
N VAL A 199 13.91 -16.46 2.08
CA VAL A 199 12.55 -16.76 1.64
C VAL A 199 11.62 -16.39 2.80
N ILE A 200 10.56 -15.64 2.48
CA ILE A 200 9.53 -15.31 3.45
C ILE A 200 8.40 -16.32 3.23
N VAL A 201 8.04 -17.03 4.29
CA VAL A 201 6.89 -17.92 4.24
C VAL A 201 5.77 -17.46 5.20
N ILE A 202 4.54 -17.62 4.76
CA ILE A 202 3.38 -17.19 5.52
C ILE A 202 2.50 -18.38 5.78
N ARG A 203 2.05 -18.55 7.02
CA ARG A 203 1.10 -19.62 7.35
C ARG A 203 0.01 -19.05 8.23
N SER A 204 -1.24 -19.21 7.79
CA SER A 204 -2.37 -18.64 8.53
C SER A 204 -2.76 -19.51 9.74
N VAL A 205 -3.61 -18.93 10.60
CA VAL A 205 -4.16 -19.62 11.76
C VAL A 205 -4.76 -20.98 11.34
N SER A 206 -5.46 -21.01 10.20
CA SER A 206 -6.10 -22.24 9.73
C SER A 206 -5.16 -23.18 8.96
N GLY A 207 -3.89 -22.79 8.78
CA GLY A 207 -2.91 -23.62 8.09
C GLY A 207 -2.72 -23.41 6.60
N GLU A 208 -3.37 -22.40 6.00
CA GLU A 208 -3.05 -22.02 4.61
C GLU A 208 -1.62 -21.47 4.56
N THR A 209 -0.86 -21.88 3.54
CA THR A 209 0.55 -21.46 3.42
C THR A 209 0.79 -20.74 2.10
N LYS A 210 1.65 -19.71 2.13
CA LYS A 210 2.13 -19.08 0.91
C LYS A 210 3.60 -18.82 1.09
N VAL A 211 4.34 -18.90 0.00
CA VAL A 211 5.77 -18.62 0.02
C VAL A 211 6.08 -17.52 -1.00
N PHE A 212 6.90 -16.57 -0.58
CA PHE A 212 7.37 -15.52 -1.47
C PHE A 212 8.58 -16.01 -2.28
N PRO A 213 8.91 -15.29 -3.37
CA PRO A 213 10.05 -15.73 -4.20
C PRO A 213 11.37 -15.58 -3.44
N VAL A 214 12.37 -16.36 -3.83
CA VAL A 214 13.69 -16.27 -3.25
C VAL A 214 14.36 -14.91 -3.54
N ALA A 215 14.85 -14.26 -2.49
CA ALA A 215 15.58 -13.00 -2.64
C ALA A 215 17.06 -13.25 -2.38
N GLU A 216 17.91 -12.66 -3.21
CA GLU A 216 19.36 -12.65 -2.97
C GLU A 216 19.69 -11.42 -2.14
N ASN A 217 20.36 -11.63 -1.00
CA ASN A 217 20.65 -10.55 -0.06
C ASN A 217 22.11 -10.17 0.02
N ILE A 218 22.37 -8.86 -0.07
CA ILE A 218 23.73 -8.34 0.03
C ILE A 218 23.89 -7.57 1.34
N HIS A 219 24.75 -8.09 2.22
CA HIS A 219 25.05 -7.47 3.50
C HIS A 219 26.38 -6.70 3.45
N VAL A 220 26.43 -5.62 4.21
CA VAL A 220 27.62 -4.76 4.34
C VAL A 220 27.69 -4.29 5.78
N ASN A 221 28.83 -4.55 6.45
CA ASN A 221 28.99 -4.28 7.89
C ASN A 221 27.94 -4.97 8.76
N ASN A 222 27.57 -6.19 8.37
CA ASN A 222 26.51 -6.96 9.02
C ASN A 222 25.13 -6.29 9.06
N ILE A 223 24.89 -5.42 8.07
CA ILE A 223 23.58 -4.80 7.88
C ILE A 223 23.17 -5.06 6.44
N LEU A 224 21.89 -5.34 6.23
CA LEU A 224 21.39 -5.53 4.86
C LEU A 224 21.55 -4.27 4.03
N HIS A 225 22.08 -4.45 2.82
CA HIS A 225 22.29 -3.35 1.88
C HIS A 225 21.22 -3.44 0.78
N GLU A 226 21.23 -4.55 0.04
CA GLU A 226 20.33 -4.81 -1.08
C GLU A 226 19.68 -6.20 -1.01
N SER A 227 18.41 -6.26 -1.44
CA SER A 227 17.75 -7.53 -1.76
C SER A 227 17.37 -7.54 -3.25
N ILE A 228 17.70 -8.63 -3.91
CA ILE A 228 17.52 -8.72 -5.35
C ILE A 228 16.58 -9.86 -5.65
N VAL A 229 15.54 -9.58 -6.42
CA VAL A 229 14.50 -10.56 -6.70
C VAL A 229 14.10 -10.45 -8.18
N PRO A 230 14.19 -11.56 -8.94
CA PRO A 230 14.55 -12.93 -8.53
C PRO A 230 16.02 -13.04 -8.14
N ALA A 231 16.31 -13.85 -7.12
CA ALA A 231 17.70 -14.12 -6.74
C ALA A 231 18.43 -14.67 -7.98
N ARG A 232 19.69 -14.27 -8.16
CA ARG A 232 20.45 -14.69 -9.33
C ARG A 232 21.07 -16.08 -9.09
N ILE A 233 20.20 -17.09 -9.08
CA ILE A 233 20.59 -18.46 -8.78
C ILE A 233 19.87 -19.41 -9.73
N THR A 234 20.34 -20.67 -9.81
CA THR A 234 19.71 -21.67 -10.68
C THR A 234 18.30 -21.98 -10.24
N GLU A 235 17.49 -22.48 -11.17
CA GLU A 235 16.13 -22.90 -10.87
C GLU A 235 16.13 -24.01 -9.81
N GLU A 236 17.25 -24.73 -9.72
CA GLU A 236 17.37 -25.85 -8.77
C GLU A 236 17.58 -25.37 -7.34
N LEU A 237 18.46 -24.38 -7.16
CA LEU A 237 18.65 -23.71 -5.89
C LEU A 237 17.37 -23.03 -5.37
N SER A 238 16.66 -22.37 -6.28
CA SER A 238 15.41 -21.68 -5.94
C SER A 238 14.37 -22.63 -5.39
N GLN A 239 14.13 -23.72 -6.14
CA GLN A 239 13.15 -24.72 -5.74
C GLN A 239 13.50 -25.36 -4.40
N LYS A 240 14.79 -25.57 -4.17
CA LYS A 240 15.32 -26.10 -2.92
C LYS A 240 15.09 -25.14 -1.73
N ALA A 241 15.45 -23.86 -1.91
CA ALA A 241 15.24 -22.88 -0.86
C ALA A 241 13.76 -22.79 -0.48
N ILE A 242 12.90 -22.80 -1.50
CA ILE A 242 11.44 -22.74 -1.28
C ILE A 242 10.92 -23.98 -0.58
N ALA A 243 11.39 -25.16 -1.01
CA ALA A 243 11.00 -26.41 -0.36
C ALA A 243 11.43 -26.42 1.11
N TYR A 244 12.64 -25.96 1.38
CA TYR A 244 13.18 -25.93 2.76
C TYR A 244 12.31 -25.06 3.67
N ALA A 245 11.95 -23.88 3.14
CA ALA A 245 11.09 -22.95 3.88
C ALA A 245 9.71 -23.55 4.20
N LYS A 246 9.11 -24.21 3.23
CA LYS A 246 7.82 -24.87 3.43
C LYS A 246 7.87 -25.96 4.50
N VAL A 247 8.94 -26.77 4.47
CA VAL A 247 9.10 -27.80 5.52
C VAL A 247 9.25 -27.17 6.90
N LEU A 248 10.05 -26.11 7.00
CA LEU A 248 10.19 -25.38 8.26
C LEU A 248 8.87 -24.87 8.78
N ALA A 249 8.12 -24.18 7.92
CA ALA A 249 6.80 -23.68 8.31
C ALA A 249 5.89 -24.78 8.84
N ASP A 250 5.89 -25.93 8.16
CA ASP A 250 5.06 -27.06 8.60
C ASP A 250 5.58 -27.65 9.92
N GLU A 251 6.86 -28.00 9.95
CA GLU A 251 7.46 -28.64 11.11
C GLU A 251 7.41 -27.77 12.39
N LEU A 252 7.61 -26.47 12.24
CA LEU A 252 7.57 -25.56 13.38
C LEU A 252 6.14 -25.07 13.69
N GLU A 253 5.16 -25.57 12.92
CA GLU A 253 3.76 -25.17 13.06
C GLU A 253 3.57 -23.64 13.09
N LEU A 254 4.13 -22.99 12.06
CA LEU A 254 4.13 -21.55 11.97
C LEU A 254 2.71 -21.00 11.90
N VAL A 255 2.49 -19.90 12.64
CA VAL A 255 1.36 -19.03 12.37
C VAL A 255 1.90 -17.60 12.26
N GLY A 256 1.60 -16.92 11.16
CA GLY A 256 2.16 -15.61 10.90
C GLY A 256 3.23 -15.68 9.82
N THR A 257 4.34 -14.98 10.05
CA THR A 257 5.38 -14.75 9.06
C THR A 257 6.69 -15.35 9.54
N LEU A 258 7.38 -16.06 8.66
CA LEU A 258 8.73 -16.56 8.97
C LEU A 258 9.70 -16.17 7.85
N ALA A 259 10.77 -15.46 8.20
CA ALA A 259 11.84 -15.21 7.24
C ALA A 259 12.89 -16.27 7.48
N VAL A 260 13.32 -16.93 6.41
CA VAL A 260 14.34 -17.98 6.51
C VAL A 260 15.59 -17.47 5.78
N GLU A 261 16.67 -17.20 6.51
CA GLU A 261 17.90 -16.78 5.85
C GLU A 261 18.80 -17.97 5.65
N MET A 262 19.45 -18.01 4.48
CA MET A 262 20.14 -19.18 3.99
C MET A 262 21.43 -18.80 3.28
N PHE A 263 22.39 -19.73 3.27
CA PHE A 263 23.60 -19.65 2.45
C PHE A 263 23.49 -20.66 1.29
N ALA A 264 23.73 -20.19 0.08
CA ALA A 264 23.71 -21.02 -1.12
C ALA A 264 25.13 -21.16 -1.68
N THR A 265 25.58 -22.40 -1.89
CA THR A 265 26.94 -22.61 -2.41
C THR A 265 26.95 -22.67 -3.93
N ALA A 266 28.15 -22.63 -4.51
CA ALA A 266 28.33 -22.82 -5.94
C ALA A 266 27.86 -24.22 -6.35
N ASP A 267 28.21 -25.20 -5.51
CA ASP A 267 27.78 -26.60 -5.69
C ASP A 267 26.28 -26.83 -5.57
N GLY A 268 25.53 -25.77 -5.25
CA GLY A 268 24.09 -25.89 -5.12
C GLY A 268 23.63 -26.40 -3.76
N GLU A 269 24.47 -26.27 -2.73
CA GLU A 269 24.02 -26.60 -1.37
C GLU A 269 23.31 -25.42 -0.74
N ILE A 270 22.30 -25.72 0.08
CA ILE A 270 21.68 -24.70 0.93
C ILE A 270 21.94 -25.05 2.38
N TYR A 271 22.39 -24.06 3.15
CA TYR A 271 22.42 -24.16 4.61
C TYR A 271 21.56 -23.06 5.23
N ILE A 272 20.75 -23.42 6.22
CA ILE A 272 19.92 -22.45 6.91
C ILE A 272 20.75 -21.70 7.94
N ASN A 273 20.75 -20.38 7.88
CA ASN A 273 21.55 -19.53 8.77
C ASN A 273 20.76 -19.12 10.02
N GLU A 274 19.66 -18.40 9.83
CA GLU A 274 18.81 -17.97 10.94
C GLU A 274 17.36 -17.76 10.54
N LEU A 275 16.49 -17.69 11.55
CA LEU A 275 15.06 -17.51 11.36
C LEU A 275 14.58 -16.24 12.06
N ALA A 276 13.60 -15.56 11.49
CA ALA A 276 12.98 -14.42 12.17
C ALA A 276 11.48 -14.60 12.06
N PRO A 277 10.78 -14.74 13.20
CA PRO A 277 9.35 -15.01 13.14
C PRO A 277 8.55 -13.71 13.06
N ARG A 278 8.81 -12.93 12.03
CA ARG A 278 8.13 -11.65 11.80
C ARG A 278 8.44 -11.24 10.39
N PRO A 279 7.72 -10.22 9.87
CA PRO A 279 8.19 -9.56 8.66
C PRO A 279 9.63 -9.11 8.86
N HIS A 280 10.37 -9.12 7.78
CA HIS A 280 11.79 -9.01 7.82
C HIS A 280 12.23 -8.01 6.76
N ASN A 281 13.39 -7.38 6.99
CA ASN A 281 13.96 -6.39 6.06
C ASN A 281 14.16 -6.94 4.63
N SER A 282 14.53 -8.23 4.53
CA SER A 282 14.73 -8.87 3.24
C SER A 282 13.42 -9.15 2.46
N GLY A 283 12.27 -8.83 3.06
CA GLY A 283 10.96 -8.94 2.42
C GLY A 283 10.30 -7.62 2.05
N HIS A 284 10.97 -6.49 2.28
CA HIS A 284 10.37 -5.19 1.94
C HIS A 284 10.10 -5.00 0.44
N TYR A 285 10.89 -5.70 -0.39
CA TYR A 285 10.64 -5.70 -1.83
C TYR A 285 9.18 -6.04 -2.19
N THR A 286 8.53 -6.86 -1.36
CA THR A 286 7.18 -7.34 -1.66
C THR A 286 6.14 -6.21 -1.71
N GLN A 287 6.44 -5.08 -1.06
CA GLN A 287 5.52 -3.94 -1.01
C GLN A 287 5.21 -3.36 -2.38
N ASP A 288 6.19 -3.44 -3.28
CA ASP A 288 6.02 -2.85 -4.61
C ASP A 288 6.05 -3.88 -5.74
N ALA A 289 6.64 -5.04 -5.50
CA ALA A 289 6.91 -5.98 -6.60
C ALA A 289 6.07 -7.25 -6.59
N CYS A 290 5.34 -7.50 -5.50
CA CYS A 290 4.51 -8.71 -5.41
C CYS A 290 3.04 -8.38 -5.34
N GLU A 291 2.23 -9.39 -5.61
CA GLU A 291 0.78 -9.26 -5.58
C GLU A 291 0.22 -8.90 -4.19
N THR A 292 0.86 -9.39 -3.12
CA THR A 292 0.57 -9.00 -1.73
C THR A 292 1.88 -8.71 -1.02
N SER A 293 1.93 -7.70 -0.17
CA SER A 293 3.16 -7.49 0.60
C SER A 293 3.27 -8.46 1.77
N GLN A 294 4.49 -8.69 2.27
CA GLN A 294 4.66 -9.48 3.49
C GLN A 294 3.81 -8.96 4.64
N PHE A 295 3.56 -7.63 4.64
CA PHE A 295 2.76 -6.98 5.67
C PHE A 295 1.26 -7.27 5.55
N GLY A 296 0.72 -7.10 4.34
CA GLY A 296 -0.66 -7.52 4.06
C GLY A 296 -0.85 -9.00 4.36
N GLN A 297 0.16 -9.82 4.04
CA GLN A 297 0.12 -11.26 4.34
C GLN A 297 0.08 -11.56 5.82
N HIS A 298 0.93 -10.87 6.58
CA HIS A 298 1.03 -11.09 8.02
C HIS A 298 -0.31 -10.78 8.72
N ILE A 299 -0.92 -9.66 8.33
CA ILE A 299 -2.24 -9.28 8.88
C ILE A 299 -3.29 -10.37 8.58
N ARG A 300 -3.38 -10.79 7.31
CA ARG A 300 -4.32 -11.84 6.90
C ARG A 300 -4.08 -13.13 7.66
N ALA A 301 -2.81 -13.51 7.85
CA ALA A 301 -2.44 -14.73 8.53
C ALA A 301 -2.91 -14.78 9.98
N ILE A 302 -2.67 -13.71 10.73
CA ILE A 302 -3.03 -13.70 12.15
C ILE A 302 -4.55 -13.50 12.35
N CYS A 303 -5.20 -12.82 11.42
CA CYS A 303 -6.64 -12.60 11.49
C CYS A 303 -7.42 -13.76 10.88
N ASN A 304 -6.69 -14.71 10.27
CA ASN A 304 -7.27 -15.89 9.62
C ASN A 304 -8.18 -15.52 8.44
N LEU A 305 -7.73 -14.56 7.64
CA LEU A 305 -8.37 -14.28 6.35
C LEU A 305 -7.68 -15.11 5.29
N PRO A 306 -8.32 -15.29 4.12
CA PRO A 306 -7.59 -15.99 3.05
C PRO A 306 -6.30 -15.25 2.71
N LEU A 307 -5.24 -16.00 2.43
CA LEU A 307 -3.96 -15.38 2.09
C LEU A 307 -4.01 -14.84 0.67
N GLY A 308 -3.28 -13.77 0.40
CA GLY A 308 -3.18 -13.27 -0.97
C GLY A 308 -2.11 -13.99 -1.77
N GLU A 309 -2.04 -13.72 -3.06
CA GLU A 309 -1.02 -14.33 -3.91
C GLU A 309 0.37 -13.70 -3.71
N THR A 310 1.42 -14.48 -3.98
CA THR A 310 2.79 -14.01 -3.75
C THR A 310 3.61 -13.86 -5.03
N ASN A 311 2.94 -13.89 -6.17
CA ASN A 311 3.57 -13.74 -7.47
C ASN A 311 4.43 -12.50 -7.56
N LEU A 312 5.61 -12.67 -8.14
CA LEU A 312 6.48 -11.56 -8.46
C LEU A 312 5.96 -10.92 -9.76
N LEU A 313 5.52 -9.67 -9.65
CA LEU A 313 4.92 -8.96 -10.78
C LEU A 313 5.93 -8.16 -11.59
N LYS A 314 7.03 -7.77 -10.95
CA LYS A 314 8.16 -7.13 -11.62
C LYS A 314 9.46 -7.40 -10.85
N PRO A 315 10.60 -7.55 -11.57
CA PRO A 315 11.87 -7.68 -10.87
C PRO A 315 12.23 -6.40 -10.08
N VAL A 316 12.92 -6.57 -8.95
CA VAL A 316 13.11 -5.49 -8.00
C VAL A 316 14.46 -5.57 -7.30
N VAL A 317 15.04 -4.41 -7.03
CA VAL A 317 16.15 -4.31 -6.09
C VAL A 317 15.71 -3.41 -4.97
N MET A 318 15.64 -3.96 -3.76
CA MET A 318 15.41 -3.14 -2.59
C MET A 318 16.76 -2.63 -2.10
N VAL A 319 16.85 -1.34 -1.83
CA VAL A 319 18.06 -0.78 -1.20
C VAL A 319 17.72 -0.14 0.13
N ASN A 320 18.46 -0.50 1.17
CA ASN A 320 18.24 0.12 2.48
C ASN A 320 18.74 1.57 2.54
N ILE A 321 17.97 2.40 3.26
CA ILE A 321 18.32 3.79 3.56
C ILE A 321 18.66 3.93 5.04
N LEU A 322 19.96 4.02 5.33
CA LEU A 322 20.44 4.21 6.70
C LEU A 322 20.53 5.70 6.99
N GLY A 323 20.76 6.06 8.26
CA GLY A 323 20.99 7.45 8.65
C GLY A 323 22.03 8.14 7.77
N GLU A 324 23.13 7.45 7.47
CA GLU A 324 24.19 7.99 6.59
C GLU A 324 23.75 8.21 5.13
N HIS A 325 22.56 7.73 4.75
CA HIS A 325 22.08 7.87 3.36
C HIS A 325 20.92 8.86 3.18
N ILE A 326 20.24 9.22 4.26
CA ILE A 326 18.98 9.97 4.14
C ILE A 326 19.20 11.33 3.42
N GLU A 327 20.28 12.02 3.75
CA GLU A 327 20.57 13.30 3.10
C GLU A 327 20.79 13.11 1.60
N GLY A 328 21.51 12.05 1.22
CA GLY A 328 21.72 11.73 -0.18
C GLY A 328 20.42 11.44 -0.94
N VAL A 329 19.50 10.74 -0.28
CA VAL A 329 18.19 10.41 -0.87
C VAL A 329 17.38 11.71 -1.15
N LEU A 330 17.27 12.56 -0.12
CA LEU A 330 16.45 13.78 -0.24
C LEU A 330 16.98 14.74 -1.28
N ARG A 331 18.30 14.81 -1.42
CA ARG A 331 18.91 15.72 -2.39
C ARG A 331 18.78 15.20 -3.83
N GLN A 332 18.67 13.88 -3.97
CA GLN A 332 18.60 13.22 -5.26
C GLN A 332 17.16 12.85 -5.63
N VAL A 333 16.19 13.38 -4.89
CA VAL A 333 14.78 12.98 -5.04
C VAL A 333 14.26 13.11 -6.47
N ASN A 334 14.75 14.13 -7.20
CA ASN A 334 14.42 14.33 -8.61
C ASN A 334 14.94 13.23 -9.54
N ARG A 335 15.82 12.37 -9.04
CA ARG A 335 16.40 11.34 -9.88
C ARG A 335 15.79 9.97 -9.60
N LEU A 336 14.69 9.95 -8.84
CA LEU A 336 14.13 8.71 -8.32
C LEU A 336 13.06 8.06 -9.21
N THR A 337 13.18 8.28 -10.53
CA THR A 337 12.33 7.60 -11.52
C THR A 337 12.45 6.08 -11.44
N GLY A 338 11.32 5.38 -11.50
CA GLY A 338 11.29 3.92 -11.40
C GLY A 338 11.71 3.39 -10.02
N CYS A 339 11.74 4.28 -9.03
CA CYS A 339 12.13 3.96 -7.67
C CYS A 339 10.95 4.26 -6.77
N TYR A 340 10.72 3.41 -5.78
CA TYR A 340 9.57 3.56 -4.88
C TYR A 340 10.04 3.71 -3.44
N LEU A 341 9.92 4.94 -2.96
CA LEU A 341 10.51 5.34 -1.69
C LEU A 341 9.61 5.02 -0.52
N HIS A 342 10.18 4.40 0.52
CA HIS A 342 9.51 4.25 1.81
C HIS A 342 10.35 4.91 2.88
N LEU A 343 9.74 5.79 3.64
CA LEU A 343 10.43 6.42 4.76
C LEU A 343 9.62 6.24 6.03
N TYR A 344 10.30 5.94 7.12
CA TYR A 344 9.65 5.40 8.31
C TYR A 344 9.18 6.44 9.33
N GLY A 345 9.56 7.70 9.14
CA GLY A 345 9.15 8.77 10.06
C GLY A 345 9.94 8.83 11.36
N LYS A 346 11.18 8.35 11.31
CA LYS A 346 12.07 8.45 12.46
C LYS A 346 12.68 9.85 12.50
N GLU A 347 12.84 10.37 13.72
CA GLU A 347 13.32 11.73 13.91
C GLU A 347 14.85 11.80 13.85
N GLU A 348 15.52 11.10 14.76
CA GLU A 348 16.98 11.11 14.79
C GLU A 348 17.57 10.19 13.73
N ALA A 349 18.56 10.69 12.99
CA ALA A 349 19.16 9.94 11.89
C ALA A 349 20.54 9.35 12.22
N LYS A 350 20.59 8.47 13.22
CA LYS A 350 21.84 7.81 13.58
C LYS A 350 22.40 7.04 12.38
N ALA A 351 23.72 7.04 12.26
CA ALA A 351 24.41 6.56 11.06
C ALA A 351 23.98 5.18 10.54
N GLN A 352 23.73 4.25 11.45
CA GLN A 352 23.39 2.88 11.07
C GLN A 352 21.91 2.55 11.31
N ARG A 353 21.14 3.55 11.71
CA ARG A 353 19.72 3.39 11.93
C ARG A 353 19.04 3.29 10.57
N LYS A 354 18.09 2.36 10.45
CA LYS A 354 17.33 2.16 9.23
C LYS A 354 16.25 3.22 9.17
N MET A 355 16.34 4.12 8.18
CA MET A 355 15.44 5.28 8.06
C MET A 355 14.34 5.03 7.02
N GLY A 356 14.63 4.15 6.07
CA GLY A 356 13.69 3.78 5.02
C GLY A 356 14.27 2.72 4.12
N HIS A 357 13.61 2.54 2.97
CA HIS A 357 14.14 1.73 1.88
C HIS A 357 13.57 2.24 0.55
N VAL A 358 14.26 1.92 -0.55
CA VAL A 358 13.72 2.20 -1.86
C VAL A 358 13.68 0.91 -2.66
N ASN A 359 12.52 0.65 -3.28
CA ASN A 359 12.35 -0.46 -4.19
C ASN A 359 12.48 0.00 -5.63
N ILE A 360 13.53 -0.48 -6.29
CA ILE A 360 13.80 -0.11 -7.66
C ILE A 360 13.28 -1.21 -8.57
N LEU A 361 12.20 -0.91 -9.28
CA LEU A 361 11.54 -1.86 -10.16
C LEU A 361 12.04 -1.70 -11.60
N ASN A 362 12.33 -2.82 -12.25
CA ASN A 362 12.80 -2.83 -13.64
C ASN A 362 12.63 -4.21 -14.24
N ASP A 363 12.35 -4.26 -15.54
CA ASP A 363 12.27 -5.54 -16.26
C ASP A 363 13.60 -6.29 -16.22
N ASN A 364 14.69 -5.53 -16.16
CA ASN A 364 16.03 -6.15 -16.09
C ASN A 364 16.70 -5.83 -14.75
N ILE A 365 17.04 -6.87 -14.01
CA ILE A 365 17.64 -6.70 -12.68
C ILE A 365 18.96 -5.91 -12.69
N GLU A 366 19.79 -6.14 -13.71
CA GLU A 366 21.08 -5.44 -13.80
C GLU A 366 20.90 -3.93 -14.00
N VAL A 367 19.81 -3.53 -14.65
CA VAL A 367 19.52 -2.12 -14.87
C VAL A 367 19.16 -1.46 -13.54
N ALA A 368 18.36 -2.16 -12.73
CA ALA A 368 18.02 -1.71 -11.38
C ALA A 368 19.26 -1.58 -10.50
N LEU A 369 20.15 -2.56 -10.58
CA LEU A 369 21.41 -2.49 -9.84
C LEU A 369 22.22 -1.26 -10.25
N GLU A 370 22.29 -1.01 -11.55
CA GLU A 370 23.01 0.13 -12.08
C GLU A 370 22.38 1.45 -11.64
N LYS A 371 21.05 1.48 -11.61
CA LYS A 371 20.34 2.67 -11.14
C LYS A 371 20.77 3.08 -9.72
N ALA A 372 20.81 2.13 -8.80
CA ALA A 372 21.28 2.40 -7.44
C ALA A 372 22.71 2.96 -7.40
N LYS A 373 23.62 2.33 -8.16
CA LYS A 373 25.00 2.82 -8.25
C LYS A 373 25.06 4.26 -8.77
N SER A 374 24.34 4.51 -9.87
CA SER A 374 24.41 5.79 -10.57
C SER A 374 23.92 6.95 -9.72
N LEU A 375 23.11 6.64 -8.71
CA LEU A 375 22.59 7.66 -7.80
C LEU A 375 23.65 8.20 -6.86
N HIS A 376 24.74 7.43 -6.69
CA HIS A 376 25.85 7.77 -5.79
C HIS A 376 25.43 8.09 -4.36
N ILE A 377 24.44 7.35 -3.86
CA ILE A 377 24.01 7.49 -2.48
C ILE A 377 24.70 6.44 -1.62
N TRP A 378 24.94 5.26 -2.19
CA TRP A 378 25.46 4.13 -1.42
C TRP A 378 26.92 3.79 -1.73
N ASP A 379 27.70 4.79 -2.15
CA ASP A 379 29.12 4.61 -2.52
C ASP A 379 29.95 3.92 -1.43
N HIS A 380 29.64 4.24 -0.17
CA HIS A 380 30.24 3.57 1.00
C HIS A 380 30.06 2.05 0.92
N GLN A 381 28.81 1.62 0.78
CA GLN A 381 28.47 0.20 0.70
C GLN A 381 29.10 -0.46 -0.51
N GLU A 382 29.03 0.22 -1.65
CA GLU A 382 29.65 -0.23 -2.89
C GLU A 382 31.18 -0.33 -2.80
N GLN A 383 31.77 0.50 -1.94
CA GLN A 383 33.22 0.55 -1.63
C GLN A 383 34.01 1.53 -2.51
N MET B 7 7.41 25.81 -10.00
CA MET B 7 7.74 24.87 -11.11
C MET B 7 8.86 23.92 -10.70
N THR B 8 9.92 24.49 -10.12
CA THR B 8 11.03 23.71 -9.59
C THR B 8 10.79 23.32 -8.12
N ARG B 9 9.72 23.84 -7.54
CA ARG B 9 9.41 23.69 -6.12
C ARG B 9 9.05 22.24 -5.73
N ILE B 10 9.69 21.75 -4.68
CA ILE B 10 9.56 20.36 -4.25
C ILE B 10 9.16 20.29 -2.78
N ILE B 11 8.12 19.51 -2.49
CA ILE B 11 7.69 19.25 -1.12
C ILE B 11 8.32 17.92 -0.73
N LEU B 12 9.34 17.96 0.12
CA LEU B 12 10.12 16.79 0.50
C LEU B 12 9.41 15.90 1.50
N PRO B 13 9.63 14.56 1.43
CA PRO B 13 9.11 13.69 2.48
C PRO B 13 9.52 14.21 3.85
N GLY B 14 8.61 14.09 4.82
CA GLY B 14 8.79 14.69 6.13
C GLY B 14 7.93 15.92 6.34
N LYS B 15 7.54 16.58 5.24
CA LYS B 15 6.67 17.75 5.32
C LYS B 15 5.24 17.33 5.62
N THR B 16 4.40 18.31 5.91
CA THR B 16 2.99 18.04 6.19
C THR B 16 2.12 18.36 4.98
N ILE B 17 1.32 17.38 4.56
CA ILE B 17 0.34 17.60 3.49
C ILE B 17 -1.04 17.80 4.12
N GLY B 18 -1.68 18.92 3.79
CA GLY B 18 -3.02 19.21 4.29
C GLY B 18 -4.08 18.77 3.30
N ILE B 19 -5.12 18.10 3.80
CA ILE B 19 -6.20 17.61 2.95
C ILE B 19 -7.55 18.19 3.37
N ILE B 20 -8.24 18.81 2.42
CA ILE B 20 -9.59 19.31 2.65
C ILE B 20 -10.60 18.23 2.30
N GLY B 21 -11.21 17.65 3.32
CA GLY B 21 -12.19 16.57 3.16
C GLY B 21 -11.63 15.28 3.70
N GLY B 22 -12.41 14.59 4.53
CA GLY B 22 -11.96 13.40 5.24
C GLY B 22 -12.57 12.08 4.79
N GLY B 23 -13.12 12.06 3.59
CA GLY B 23 -13.73 10.85 3.00
C GLY B 23 -12.68 9.84 2.59
N GLN B 24 -13.13 8.73 1.98
CA GLN B 24 -12.24 7.62 1.57
C GLN B 24 -11.11 8.03 0.64
N LEU B 25 -11.32 9.07 -0.17
CA LEU B 25 -10.29 9.49 -1.13
C LEU B 25 -9.12 10.14 -0.41
N GLY B 26 -9.43 10.99 0.58
CA GLY B 26 -8.40 11.58 1.45
C GLY B 26 -7.70 10.52 2.30
N ARG B 27 -8.46 9.55 2.80
CA ARG B 27 -7.89 8.42 3.55
C ARG B 27 -6.82 7.68 2.73
N MET B 28 -7.15 7.36 1.49
CA MET B 28 -6.21 6.62 0.64
C MET B 28 -5.02 7.48 0.20
N MET B 29 -5.26 8.77 -0.04
CA MET B 29 -4.17 9.73 -0.24
C MET B 29 -3.23 9.69 0.95
N ALA B 30 -3.81 9.80 2.15
CA ALA B 30 -3.07 9.82 3.41
C ALA B 30 -2.23 8.56 3.60
N LEU B 31 -2.81 7.38 3.35
CA LEU B 31 -2.05 6.12 3.49
C LEU B 31 -0.82 6.09 2.58
N ALA B 32 -1.00 6.50 1.32
CA ALA B 32 0.09 6.54 0.34
C ALA B 32 1.16 7.57 0.70
N ALA B 33 0.74 8.73 1.20
CA ALA B 33 1.68 9.74 1.68
C ALA B 33 2.48 9.27 2.89
N LYS B 34 1.82 8.53 3.79
CA LYS B 34 2.49 7.99 4.97
C LYS B 34 3.61 7.03 4.61
N GLU B 35 3.41 6.21 3.59
CA GLU B 35 4.47 5.29 3.20
C GLU B 35 5.74 6.04 2.79
N MET B 36 5.59 7.23 2.22
CA MET B 36 6.74 8.04 1.83
C MET B 36 7.32 8.90 2.97
N GLY B 37 6.67 8.89 4.13
CA GLY B 37 7.16 9.59 5.32
C GLY B 37 6.60 11.01 5.49
N TYR B 38 5.51 11.30 4.79
CA TYR B 38 4.82 12.58 4.95
C TYR B 38 3.92 12.53 6.17
N LYS B 39 3.76 13.70 6.80
CA LYS B 39 2.74 13.93 7.80
C LYS B 39 1.45 14.41 7.13
N ILE B 40 0.30 14.13 7.75
CA ILE B 40 -1.01 14.49 7.20
C ILE B 40 -1.87 15.31 8.16
N ALA B 41 -2.41 16.42 7.64
CA ALA B 41 -3.44 17.19 8.33
C ALA B 41 -4.72 17.10 7.50
N VAL B 42 -5.86 17.02 8.18
CA VAL B 42 -7.15 16.95 7.48
C VAL B 42 -8.22 17.84 8.12
N LEU B 43 -8.97 18.53 7.26
CA LEU B 43 -10.13 19.29 7.71
C LEU B 43 -11.41 18.63 7.20
N ASP B 44 -12.29 18.26 8.13
CA ASP B 44 -13.57 17.60 7.85
C ASP B 44 -14.58 18.03 8.92
N PRO B 45 -15.87 18.20 8.54
CA PRO B 45 -16.92 18.60 9.50
C PRO B 45 -17.32 17.52 10.52
N THR B 46 -16.92 16.28 10.27
CA THR B 46 -17.29 15.15 11.13
C THR B 46 -16.06 14.55 11.81
N LYS B 47 -16.15 14.39 13.13
CA LYS B 47 -15.09 13.80 13.94
C LYS B 47 -14.82 12.34 13.52
N ASN B 48 -13.54 11.97 13.50
CA ASN B 48 -13.09 10.62 13.15
C ASN B 48 -13.57 10.16 11.77
N SER B 49 -13.34 10.99 10.78
CA SER B 49 -13.63 10.67 9.37
C SER B 49 -12.67 9.58 8.92
N PRO B 50 -12.97 8.90 7.78
CA PRO B 50 -12.03 7.91 7.23
C PRO B 50 -10.59 8.42 7.21
N CYS B 51 -10.40 9.66 6.78
CA CYS B 51 -9.07 10.25 6.65
C CYS B 51 -8.43 10.63 8.00
N ALA B 52 -9.23 11.16 8.92
CA ALA B 52 -8.78 11.44 10.30
C ALA B 52 -8.18 10.21 10.99
N GLN B 53 -8.76 9.03 10.75
CA GLN B 53 -8.24 7.78 11.31
C GLN B 53 -6.80 7.47 10.88
N VAL B 54 -6.33 8.19 9.86
CA VAL B 54 -4.97 7.99 9.33
C VAL B 54 -4.08 9.22 9.51
N ALA B 55 -4.69 10.35 9.86
CA ALA B 55 -3.99 11.64 9.88
C ALA B 55 -3.29 11.91 11.21
N ASP B 56 -2.26 12.75 11.16
CA ASP B 56 -1.57 13.20 12.36
C ASP B 56 -2.39 14.27 13.08
N ILE B 57 -2.94 15.21 12.32
CA ILE B 57 -3.72 16.32 12.87
C ILE B 57 -5.11 16.37 12.22
N GLU B 58 -6.13 16.54 13.07
CA GLU B 58 -7.52 16.54 12.63
C GLU B 58 -8.16 17.88 13.00
N ILE B 59 -8.79 18.54 12.03
CA ILE B 59 -9.52 19.79 12.27
C ILE B 59 -11.01 19.58 11.96
N VAL B 60 -11.84 19.46 13.00
CA VAL B 60 -13.26 19.28 12.81
C VAL B 60 -13.92 20.64 12.67
N ALA B 61 -14.39 20.94 11.46
CA ALA B 61 -14.97 22.24 11.12
C ALA B 61 -15.60 22.20 9.74
N SER B 62 -16.51 23.13 9.47
CA SER B 62 -17.17 23.23 8.18
C SER B 62 -16.18 23.61 7.09
N TYR B 63 -16.50 23.29 5.84
CA TYR B 63 -15.66 23.61 4.70
C TYR B 63 -15.63 25.11 4.38
N ASP B 64 -16.68 25.82 4.78
CA ASP B 64 -16.71 27.28 4.59
C ASP B 64 -16.21 28.08 5.80
N ASP B 65 -15.79 27.36 6.84
CA ASP B 65 -15.16 27.98 8.01
C ASP B 65 -13.75 28.44 7.59
N LEU B 66 -13.67 29.70 7.20
CA LEU B 66 -12.44 30.29 6.67
C LEU B 66 -11.29 30.33 7.68
N LYS B 67 -11.63 30.40 8.96
CA LYS B 67 -10.60 30.42 10.01
C LYS B 67 -9.96 29.05 10.20
N ALA B 68 -10.78 28.00 10.15
CA ALA B 68 -10.27 26.63 10.19
C ALA B 68 -9.40 26.33 8.97
N ILE B 69 -9.82 26.85 7.80
CA ILE B 69 -9.07 26.75 6.54
C ILE B 69 -7.70 27.42 6.64
N GLN B 70 -7.67 28.58 7.30
CA GLN B 70 -6.42 29.29 7.54
C GLN B 70 -5.52 28.48 8.46
N HIS B 71 -6.12 27.84 9.47
CA HIS B 71 -5.40 26.98 10.39
C HIS B 71 -4.76 25.81 9.62
N LEU B 72 -5.57 25.11 8.82
CA LEU B 72 -5.06 24.05 7.93
C LEU B 72 -3.87 24.56 7.10
N ALA B 73 -4.02 25.74 6.51
CA ALA B 73 -2.96 26.37 5.72
C ALA B 73 -1.68 26.64 6.53
N GLU B 74 -1.83 27.01 7.80
CA GLU B 74 -0.69 27.31 8.68
C GLU B 74 0.16 26.09 9.04
N ILE B 75 -0.50 24.97 9.34
CA ILE B 75 0.21 23.75 9.75
C ILE B 75 0.63 22.85 8.57
N SER B 76 0.27 23.24 7.34
CA SER B 76 0.56 22.46 6.13
C SER B 76 1.61 23.10 5.21
N ASP B 77 2.45 22.26 4.62
CA ASP B 77 3.42 22.72 3.66
C ASP B 77 2.85 22.72 2.26
N VAL B 78 1.82 21.91 2.05
CA VAL B 78 1.07 21.88 0.79
C VAL B 78 -0.37 21.47 1.10
N VAL B 79 -1.32 22.01 0.35
CA VAL B 79 -2.72 21.65 0.55
C VAL B 79 -3.31 21.05 -0.73
N THR B 80 -4.15 20.04 -0.55
CA THR B 80 -4.90 19.44 -1.63
C THR B 80 -6.34 19.24 -1.18
N TYR B 81 -7.22 18.97 -2.13
CA TYR B 81 -8.60 18.73 -1.80
C TYR B 81 -9.03 17.37 -2.26
N GLU B 82 -10.00 16.83 -1.52
CA GLU B 82 -10.57 15.53 -1.77
C GLU B 82 -12.07 15.74 -2.04
N PHE B 83 -12.71 16.59 -1.24
CA PHE B 83 -14.13 16.94 -1.35
C PHE B 83 -14.37 17.72 -2.65
N GLU B 84 -15.18 17.18 -3.55
CA GLU B 84 -15.33 17.79 -4.88
C GLU B 84 -16.27 19.00 -4.93
N ASN B 85 -17.15 19.12 -3.92
CA ASN B 85 -18.07 20.26 -3.84
C ASN B 85 -17.58 21.41 -2.94
N ILE B 86 -16.27 21.61 -2.89
CA ILE B 86 -15.68 22.73 -2.13
C ILE B 86 -16.05 24.04 -2.82
N ASP B 87 -16.31 25.08 -2.01
CA ASP B 87 -16.51 26.41 -2.55
C ASP B 87 -15.19 26.90 -3.13
N TYR B 88 -15.21 27.27 -4.40
CA TYR B 88 -13.99 27.66 -5.11
C TYR B 88 -13.37 28.97 -4.61
N ARG B 89 -14.10 29.69 -3.76
CA ARG B 89 -13.60 30.92 -3.15
C ARG B 89 -12.60 30.59 -2.03
N CYS B 90 -12.83 29.45 -1.37
CA CYS B 90 -11.91 28.94 -0.34
C CYS B 90 -10.56 28.58 -0.96
N LEU B 91 -10.62 27.99 -2.15
CA LEU B 91 -9.42 27.61 -2.89
C LEU B 91 -8.69 28.83 -3.46
N GLN B 92 -9.45 29.89 -3.74
CA GLN B 92 -8.87 31.15 -4.17
C GLN B 92 -8.04 31.78 -3.08
N TRP B 93 -8.51 31.68 -1.83
CA TRP B 93 -7.77 32.16 -0.67
C TRP B 93 -6.49 31.36 -0.47
N LEU B 94 -6.62 30.04 -0.52
CA LEU B 94 -5.51 29.12 -0.30
C LEU B 94 -4.38 29.30 -1.31
N GLU B 95 -4.72 29.43 -2.59
CA GLU B 95 -3.69 29.54 -3.61
C GLU B 95 -2.91 30.84 -3.50
N LYS B 96 -3.50 31.83 -2.84
CA LYS B 96 -2.87 33.13 -2.66
C LYS B 96 -2.15 33.28 -1.32
N HIS B 97 -2.70 32.68 -0.26
CA HIS B 97 -2.11 32.78 1.08
C HIS B 97 -1.43 31.50 1.60
N ALA B 98 -1.40 30.46 0.78
CA ALA B 98 -0.76 29.20 1.11
C ALA B 98 -0.24 28.57 -0.17
N TYR B 99 0.00 27.26 -0.16
CA TYR B 99 0.46 26.59 -1.38
C TYR B 99 -0.55 25.53 -1.83
N LEU B 100 -1.31 25.88 -2.88
CA LEU B 100 -2.28 24.97 -3.47
C LEU B 100 -1.92 24.76 -4.93
N PRO B 101 -0.98 23.81 -5.21
CA PRO B 101 -0.49 23.66 -6.58
C PRO B 101 -1.54 23.27 -7.62
N GLN B 102 -2.62 22.59 -7.21
CA GLN B 102 -3.73 22.30 -8.11
C GLN B 102 -4.47 23.56 -8.65
N GLY B 103 -4.45 24.63 -7.87
CA GLY B 103 -5.15 25.88 -8.22
C GLY B 103 -6.66 25.79 -8.02
N SER B 104 -7.35 26.90 -8.29
CA SER B 104 -8.79 27.00 -8.10
C SER B 104 -9.55 26.89 -9.41
N GLN B 105 -8.88 27.22 -10.51
CA GLN B 105 -9.45 27.25 -11.86
C GLN B 105 -10.09 25.93 -12.24
N LEU B 106 -9.29 24.86 -12.23
CA LEU B 106 -9.75 23.55 -12.71
C LEU B 106 -10.99 23.10 -11.95
N LEU B 107 -10.94 23.21 -10.62
CA LEU B 107 -12.09 22.85 -9.81
C LEU B 107 -13.34 23.65 -10.22
N SER B 108 -13.17 24.95 -10.45
CA SER B 108 -14.30 25.81 -10.80
C SER B 108 -14.94 25.39 -12.12
N LYS B 109 -14.09 25.01 -13.08
CA LYS B 109 -14.55 24.54 -14.39
C LYS B 109 -15.26 23.18 -14.35
N THR B 110 -14.77 22.26 -13.53
CA THR B 110 -15.25 20.87 -13.55
C THR B 110 -16.45 20.62 -12.65
N GLN B 111 -16.71 21.56 -11.73
CA GLN B 111 -17.79 21.45 -10.75
C GLN B 111 -19.18 21.62 -11.33
N ASN B 112 -19.26 22.36 -12.43
CA ASN B 112 -20.52 22.68 -13.08
C ASN B 112 -20.55 22.06 -14.47
N ARG B 113 -21.52 21.18 -14.72
CA ARG B 113 -21.55 20.41 -15.98
C ARG B 113 -21.55 21.28 -17.23
N PHE B 114 -22.22 22.43 -17.19
CA PHE B 114 -22.26 23.32 -18.34
C PHE B 114 -20.89 23.96 -18.62
N THR B 115 -20.23 24.47 -17.58
CA THR B 115 -18.90 25.08 -17.77
C THR B 115 -17.88 24.00 -18.15
N GLU B 116 -18.05 22.81 -17.58
CA GLU B 116 -17.29 21.62 -17.95
C GLU B 116 -17.34 21.32 -19.45
N LYS B 117 -18.56 21.25 -19.99
CA LYS B 117 -18.76 21.00 -21.42
C LYS B 117 -18.06 22.04 -22.29
N ASN B 118 -18.16 23.31 -21.89
CA ASN B 118 -17.54 24.41 -22.61
C ASN B 118 -16.02 24.23 -22.65
N ALA B 119 -15.43 23.77 -21.55
CA ALA B 119 -13.98 23.58 -21.45
C ALA B 119 -13.48 22.38 -22.27
N ILE B 120 -14.27 21.31 -22.31
CA ILE B 120 -13.98 20.15 -23.17
C ILE B 120 -14.00 20.52 -24.66
N GLU B 121 -14.98 21.33 -25.07
CA GLU B 121 -15.07 21.80 -26.47
C GLU B 121 -13.93 22.75 -26.85
N LYS B 122 -13.58 23.64 -25.94
CA LYS B 122 -12.42 24.52 -26.09
C LYS B 122 -11.14 23.70 -26.35
N ALA B 123 -11.07 22.50 -25.77
CA ALA B 123 -9.95 21.59 -25.98
C ALA B 123 -9.99 20.92 -27.35
N GLY B 124 -11.18 20.88 -27.96
CA GLY B 124 -11.33 20.33 -29.31
C GLY B 124 -11.84 18.90 -29.32
N LEU B 125 -12.30 18.43 -28.16
CA LEU B 125 -12.76 17.07 -28.00
C LEU B 125 -14.28 17.02 -28.08
N PRO B 126 -14.83 15.87 -28.52
CA PRO B 126 -16.27 15.76 -28.70
C PRO B 126 -17.05 15.54 -27.40
N VAL B 127 -18.20 16.20 -27.29
CA VAL B 127 -19.19 15.93 -26.24
C VAL B 127 -20.55 15.74 -26.89
N ALA B 128 -21.49 15.14 -26.15
CA ALA B 128 -22.86 15.02 -26.63
C ALA B 128 -23.42 16.44 -26.76
N THR B 129 -24.20 16.68 -27.82
CA THR B 129 -24.87 17.98 -27.98
C THR B 129 -25.66 18.30 -26.71
N TYR B 130 -25.57 19.54 -26.26
CA TYR B 130 -26.16 19.91 -24.96
C TYR B 130 -26.76 21.32 -24.97
N ARG B 131 -27.67 21.56 -24.03
CA ARG B 131 -28.32 22.87 -23.86
C ARG B 131 -28.53 23.17 -22.37
N LEU B 132 -28.31 24.41 -21.97
CA LEU B 132 -28.56 24.86 -20.61
C LEU B 132 -30.07 24.99 -20.37
N VAL B 133 -30.56 24.50 -19.23
CA VAL B 133 -31.98 24.53 -18.88
C VAL B 133 -32.17 25.20 -17.52
N GLN B 134 -32.74 26.41 -17.52
CA GLN B 134 -32.97 27.18 -16.28
C GLN B 134 -34.45 27.31 -15.88
N ASN B 135 -35.34 27.00 -16.83
CA ASN B 135 -36.80 27.05 -16.57
C ASN B 135 -37.54 26.14 -17.55
N GLN B 136 -38.87 26.09 -17.46
CA GLN B 136 -39.65 25.19 -18.32
C GLN B 136 -39.57 25.54 -19.79
N GLU B 137 -39.60 26.84 -20.12
CA GLU B 137 -39.49 27.28 -21.53
C GLU B 137 -38.17 26.81 -22.17
N GLN B 138 -37.07 26.92 -21.42
CA GLN B 138 -35.77 26.43 -21.91
C GLN B 138 -35.72 24.90 -22.03
N LEU B 139 -36.39 24.18 -21.11
CA LEU B 139 -36.51 22.73 -21.24
C LEU B 139 -37.26 22.36 -22.52
N THR B 140 -38.36 23.05 -22.77
CA THR B 140 -39.18 22.83 -23.95
C THR B 140 -38.38 23.04 -25.24
N GLU B 141 -37.68 24.16 -25.31
CA GLU B 141 -36.86 24.46 -26.49
C GLU B 141 -35.72 23.44 -26.67
N ALA B 142 -35.14 23.00 -25.54
CA ALA B 142 -34.04 22.03 -25.59
C ALA B 142 -34.54 20.70 -26.13
N ILE B 143 -35.67 20.23 -25.62
CA ILE B 143 -36.31 18.99 -26.12
C ILE B 143 -36.64 19.09 -27.60
N ALA B 144 -37.18 20.24 -28.01
CA ALA B 144 -37.52 20.49 -29.42
C ALA B 144 -36.27 20.34 -30.31
N GLU B 145 -35.18 21.00 -29.91
CA GLU B 145 -33.91 20.96 -30.66
C GLU B 145 -33.16 19.62 -30.61
N LEU B 146 -33.10 18.97 -29.45
CA LEU B 146 -32.29 17.76 -29.31
C LEU B 146 -33.08 16.48 -29.53
N SER B 147 -34.40 16.57 -29.39
CA SER B 147 -35.29 15.42 -29.58
C SER B 147 -35.00 14.27 -28.59
N TYR B 148 -35.47 13.07 -28.92
CA TYR B 148 -35.30 11.90 -28.06
C TYR B 148 -34.41 10.86 -28.76
N PRO B 149 -33.67 10.04 -27.99
CA PRO B 149 -33.57 10.08 -26.52
C PRO B 149 -32.58 11.13 -26.01
N SER B 150 -32.80 11.60 -24.79
CA SER B 150 -31.96 12.62 -24.17
C SER B 150 -31.91 12.43 -22.65
N VAL B 151 -30.99 13.13 -22.00
CA VAL B 151 -30.81 13.02 -20.55
C VAL B 151 -30.75 14.43 -19.96
N LEU B 152 -31.56 14.68 -18.94
CA LEU B 152 -31.50 15.93 -18.19
C LEU B 152 -30.72 15.70 -16.88
N LYS B 153 -29.71 16.51 -16.65
CA LYS B 153 -28.86 16.39 -15.45
C LYS B 153 -28.68 17.74 -14.81
N THR B 154 -28.71 17.77 -13.48
CA THR B 154 -28.38 18.99 -12.73
C THR B 154 -26.94 19.41 -13.03
N THR B 155 -26.72 20.71 -13.18
CA THR B 155 -25.38 21.21 -13.47
C THR B 155 -24.40 21.08 -12.30
N THR B 156 -24.89 21.13 -11.07
CA THR B 156 -23.99 21.06 -9.91
C THR B 156 -24.26 19.86 -9.01
N GLY B 157 -23.23 19.51 -8.23
CA GLY B 157 -23.21 18.36 -7.34
C GLY B 157 -24.54 18.13 -6.67
N GLY B 158 -25.34 17.27 -7.29
CA GLY B 158 -26.70 17.01 -6.84
C GLY B 158 -27.01 15.53 -6.91
N TYR B 159 -25.97 14.70 -6.78
CA TYR B 159 -26.15 13.25 -6.69
C TYR B 159 -26.02 12.74 -5.24
N ASP B 160 -27.16 12.78 -4.52
CA ASP B 160 -27.27 12.24 -3.17
C ASP B 160 -28.58 11.45 -2.89
N GLY B 161 -29.18 10.80 -3.90
CA GLY B 161 -28.66 10.68 -5.26
C GLY B 161 -29.50 11.38 -6.33
N LYS B 162 -30.36 10.61 -7.01
CA LYS B 162 -31.18 11.06 -8.16
C LYS B 162 -30.43 11.94 -9.19
N GLY B 163 -30.73 13.24 -9.22
CA GLY B 163 -29.97 14.21 -10.01
C GLY B 163 -30.13 14.18 -11.53
N GLN B 164 -30.81 13.15 -12.05
CA GLN B 164 -30.99 13.03 -13.51
C GLN B 164 -32.27 12.33 -13.94
N VAL B 165 -32.74 12.67 -15.12
CA VAL B 165 -33.93 12.06 -15.72
C VAL B 165 -33.58 11.68 -17.16
N VAL B 166 -33.78 10.41 -17.50
CA VAL B 166 -33.57 9.95 -18.87
C VAL B 166 -34.88 10.08 -19.65
N LEU B 167 -34.84 10.80 -20.75
CA LEU B 167 -36.03 11.03 -21.57
C LEU B 167 -36.01 10.13 -22.80
N ARG B 168 -36.64 8.97 -22.66
CA ARG B 168 -36.72 8.00 -23.75
C ARG B 168 -37.80 8.42 -24.75
N SER B 169 -38.91 8.94 -24.22
CA SER B 169 -39.99 9.47 -25.05
C SER B 169 -40.66 10.65 -24.35
N GLU B 170 -41.72 11.19 -24.96
CA GLU B 170 -42.51 12.26 -24.36
C GLU B 170 -43.11 11.90 -22.98
N ALA B 171 -43.26 10.61 -22.72
CA ALA B 171 -43.80 10.12 -21.44
C ALA B 171 -42.92 10.45 -20.24
N ASP B 172 -41.65 10.77 -20.49
CA ASP B 172 -40.71 11.09 -19.43
C ASP B 172 -40.63 12.59 -19.15
N VAL B 173 -41.27 13.39 -19.99
CA VAL B 173 -41.20 14.87 -19.87
C VAL B 173 -41.68 15.39 -18.52
N ASP B 174 -42.76 14.81 -17.98
CA ASP B 174 -43.31 15.22 -16.67
C ASP B 174 -42.27 15.13 -15.56
N GLU B 175 -41.52 14.02 -15.54
CA GLU B 175 -40.49 13.81 -14.53
C GLU B 175 -39.36 14.83 -14.71
N ALA B 176 -39.02 15.14 -15.95
CA ALA B 176 -37.95 16.11 -16.26
C ALA B 176 -38.30 17.55 -15.85
N ARG B 177 -39.59 17.91 -15.93
CA ARG B 177 -40.04 19.26 -15.57
C ARG B 177 -39.84 19.52 -14.08
N LYS B 178 -40.15 18.48 -13.30
CA LYS B 178 -39.97 18.44 -11.86
C LYS B 178 -38.51 18.73 -11.50
N LEU B 179 -37.59 18.04 -12.17
CA LEU B 179 -36.16 18.26 -11.97
C LEU B 179 -35.72 19.64 -12.42
N ALA B 180 -36.23 20.09 -13.56
CA ALA B 180 -35.88 21.41 -14.07
C ALA B 180 -36.29 22.53 -13.10
N ASN B 181 -37.38 22.34 -12.36
CA ASN B 181 -37.77 23.35 -11.36
C ASN B 181 -36.88 23.38 -10.12
N ALA B 182 -36.40 22.20 -9.73
CA ALA B 182 -35.59 22.04 -8.52
C ALA B 182 -34.18 22.60 -8.66
N ALA B 183 -33.58 22.41 -9.85
CA ALA B 183 -32.18 22.84 -10.07
C ALA B 183 -31.89 23.24 -11.51
N GLU B 184 -30.87 24.08 -11.68
CA GLU B 184 -30.27 24.33 -12.99
C GLU B 184 -29.78 23.00 -13.57
N CYS B 185 -30.04 22.80 -14.85
CA CYS B 185 -29.72 21.57 -15.55
C CYS B 185 -29.14 21.82 -16.93
N ILE B 186 -28.58 20.76 -17.50
CA ILE B 186 -28.34 20.72 -18.93
C ILE B 186 -29.07 19.52 -19.50
N LEU B 187 -29.61 19.68 -20.70
CA LEU B 187 -30.11 18.55 -21.45
C LEU B 187 -29.05 18.13 -22.48
N GLU B 188 -28.78 16.83 -22.55
CA GLU B 188 -27.82 16.28 -23.52
C GLU B 188 -28.46 15.20 -24.35
N LYS B 189 -28.06 15.11 -25.61
CA LYS B 189 -28.41 13.95 -26.43
C LYS B 189 -27.87 12.68 -25.79
N TRP B 190 -28.70 11.64 -25.80
CA TRP B 190 -28.28 10.32 -25.35
C TRP B 190 -27.26 9.80 -26.36
N VAL B 191 -26.15 9.30 -25.84
CA VAL B 191 -25.08 8.76 -26.67
C VAL B 191 -25.30 7.25 -26.70
N PRO B 192 -25.46 6.68 -27.91
CA PRO B 192 -25.56 5.23 -27.94
C PRO B 192 -24.14 4.67 -27.94
N PHE B 193 -23.66 4.29 -26.77
CA PHE B 193 -22.32 3.74 -26.64
C PHE B 193 -22.43 2.23 -26.50
N GLU B 194 -21.35 1.52 -26.82
CA GLU B 194 -21.23 0.11 -26.44
C GLU B 194 -20.61 -0.05 -25.04
N LYS B 195 -19.67 0.85 -24.70
CA LYS B 195 -18.97 0.81 -23.40
C LYS B 195 -18.68 2.19 -22.81
N GLU B 196 -18.75 2.29 -21.48
CA GLU B 196 -18.24 3.43 -20.75
C GLU B 196 -16.82 3.12 -20.32
N VAL B 197 -15.92 4.07 -20.53
CA VAL B 197 -14.54 3.88 -20.13
C VAL B 197 -14.03 5.10 -19.37
N SER B 198 -12.98 4.92 -18.59
CA SER B 198 -12.31 6.05 -17.96
C SER B 198 -10.81 5.95 -18.05
N VAL B 199 -10.18 7.12 -18.01
CA VAL B 199 -8.74 7.26 -18.00
C VAL B 199 -8.38 8.21 -16.85
N ILE B 200 -7.38 7.80 -16.05
CA ILE B 200 -6.84 8.69 -15.03
C ILE B 200 -5.54 9.24 -15.53
N VAL B 201 -5.46 10.56 -15.58
CA VAL B 201 -4.22 11.20 -15.97
C VAL B 201 -3.66 12.00 -14.80
N ILE B 202 -2.33 11.99 -14.68
CA ILE B 202 -1.61 12.67 -13.61
C ILE B 202 -0.62 13.61 -14.25
N ARG B 203 -0.55 14.83 -13.76
CA ARG B 203 0.45 15.77 -14.21
C ARG B 203 1.06 16.49 -13.02
N SER B 204 2.37 16.40 -12.88
CA SER B 204 3.06 17.00 -11.75
C SER B 204 3.23 18.51 -11.95
N VAL B 205 3.62 19.17 -10.86
CA VAL B 205 3.94 20.60 -10.82
C VAL B 205 4.94 20.97 -11.93
N SER B 206 5.95 20.13 -12.15
CA SER B 206 6.97 20.39 -13.17
C SER B 206 6.58 19.90 -14.59
N GLY B 207 5.33 19.45 -14.76
CA GLY B 207 4.81 19.14 -16.08
C GLY B 207 4.76 17.67 -16.48
N GLU B 208 5.45 16.82 -15.72
CA GLU B 208 5.52 15.39 -16.02
C GLU B 208 4.11 14.82 -16.08
N THR B 209 3.82 14.08 -17.13
CA THR B 209 2.47 13.56 -17.37
C THR B 209 2.49 12.04 -17.47
N LYS B 210 1.64 11.38 -16.72
CA LYS B 210 1.45 9.92 -16.84
C LYS B 210 -0.03 9.58 -16.93
N VAL B 211 -0.33 8.49 -17.63
CA VAL B 211 -1.70 8.05 -17.81
C VAL B 211 -1.81 6.59 -17.40
N PHE B 212 -2.85 6.26 -16.66
CA PHE B 212 -3.13 4.88 -16.29
C PHE B 212 -3.83 4.15 -17.43
N PRO B 213 -3.84 2.81 -17.41
CA PRO B 213 -4.54 2.00 -18.42
C PRO B 213 -6.02 2.38 -18.50
N VAL B 214 -6.63 2.21 -19.68
CA VAL B 214 -8.05 2.46 -19.85
C VAL B 214 -8.87 1.40 -19.10
N ALA B 215 -9.85 1.86 -18.32
CA ALA B 215 -10.74 0.97 -17.59
C ALA B 215 -12.14 1.00 -18.18
N GLU B 216 -12.83 -0.13 -18.10
CA GLU B 216 -14.21 -0.24 -18.54
C GLU B 216 -15.11 -0.25 -17.32
N ASN B 217 -16.05 0.68 -17.29
CA ASN B 217 -16.87 0.91 -16.11
C ASN B 217 -18.30 0.44 -16.29
N ILE B 218 -18.81 -0.24 -15.28
CA ILE B 218 -20.17 -0.75 -15.29
C ILE B 218 -20.95 -0.08 -14.15
N HIS B 219 -21.91 0.75 -14.52
CA HIS B 219 -22.75 1.47 -13.56
C HIS B 219 -24.10 0.78 -13.38
N VAL B 220 -24.58 0.75 -12.13
CA VAL B 220 -25.92 0.25 -11.83
C VAL B 220 -26.59 1.28 -10.95
N ASN B 221 -27.74 1.78 -11.40
CA ASN B 221 -28.46 2.85 -10.71
C ASN B 221 -27.60 4.11 -10.57
N ASN B 222 -26.91 4.44 -11.65
CA ASN B 222 -25.93 5.54 -11.71
C ASN B 222 -24.83 5.51 -10.63
N ILE B 223 -24.63 4.34 -10.02
CA ILE B 223 -23.51 4.12 -9.11
C ILE B 223 -22.53 3.13 -9.76
N LEU B 224 -21.25 3.49 -9.77
CA LEU B 224 -20.22 2.57 -10.23
C LEU B 224 -20.32 1.23 -9.50
N HIS B 225 -20.33 0.15 -10.29
CA HIS B 225 -20.38 -1.20 -9.74
C HIS B 225 -19.05 -1.94 -9.96
N GLU B 226 -18.61 -2.00 -11.22
CA GLU B 226 -17.35 -2.66 -11.58
C GLU B 226 -16.50 -1.78 -12.50
N SER B 227 -15.18 -1.84 -12.29
CA SER B 227 -14.18 -1.31 -13.21
C SER B 227 -13.35 -2.48 -13.71
N ILE B 228 -13.17 -2.56 -15.03
CA ILE B 228 -12.52 -3.72 -15.69
C ILE B 228 -11.28 -3.26 -16.45
N VAL B 229 -10.12 -3.80 -16.07
CA VAL B 229 -8.85 -3.40 -16.67
C VAL B 229 -8.01 -4.66 -17.01
N PRO B 230 -7.62 -4.80 -18.30
CA PRO B 230 -7.81 -3.83 -19.39
C PRO B 230 -9.26 -3.77 -19.87
N ALA B 231 -9.71 -2.59 -20.27
CA ALA B 231 -11.02 -2.40 -20.86
C ALA B 231 -11.16 -3.25 -22.12
N ARG B 232 -12.32 -3.91 -22.28
CA ARG B 232 -12.52 -4.84 -23.39
C ARG B 232 -12.90 -4.08 -24.66
N ILE B 233 -11.94 -3.31 -25.14
CA ILE B 233 -12.10 -2.44 -26.31
C ILE B 233 -10.93 -2.69 -27.25
N THR B 234 -11.03 -2.19 -28.48
CA THR B 234 -9.94 -2.27 -29.44
C THR B 234 -8.73 -1.46 -29.01
N GLU B 235 -7.56 -1.92 -29.43
CA GLU B 235 -6.31 -1.19 -29.32
C GLU B 235 -6.44 0.26 -29.79
N GLU B 236 -7.14 0.46 -30.92
CA GLU B 236 -7.34 1.80 -31.47
C GLU B 236 -8.16 2.73 -30.57
N LEU B 237 -9.19 2.19 -29.93
CA LEU B 237 -10.00 2.94 -28.96
C LEU B 237 -9.21 3.32 -27.70
N SER B 238 -8.46 2.36 -27.15
CA SER B 238 -7.54 2.60 -26.04
C SER B 238 -6.55 3.73 -26.34
N GLN B 239 -5.93 3.68 -27.52
CA GLN B 239 -5.00 4.72 -27.96
C GLN B 239 -5.67 6.09 -28.05
N LYS B 240 -6.90 6.12 -28.56
CA LYS B 240 -7.62 7.38 -28.69
C LYS B 240 -7.95 7.95 -27.30
N ALA B 241 -8.46 7.08 -26.42
CA ALA B 241 -8.82 7.48 -25.06
C ALA B 241 -7.61 8.04 -24.32
N ILE B 242 -6.48 7.35 -24.44
CA ILE B 242 -5.24 7.82 -23.84
C ILE B 242 -4.85 9.20 -24.40
N ALA B 243 -4.90 9.37 -25.73
CA ALA B 243 -4.60 10.66 -26.37
C ALA B 243 -5.52 11.80 -25.90
N TYR B 244 -6.83 11.53 -25.86
CA TYR B 244 -7.81 12.53 -25.37
C TYR B 244 -7.50 13.00 -23.95
N ALA B 245 -7.12 12.05 -23.10
CA ALA B 245 -6.77 12.34 -21.71
C ALA B 245 -5.59 13.30 -21.64
N LYS B 246 -4.54 13.01 -22.42
CA LYS B 246 -3.36 13.87 -22.42
C LYS B 246 -3.70 15.28 -22.90
N VAL B 247 -4.53 15.34 -23.94
CA VAL B 247 -4.99 16.62 -24.50
C VAL B 247 -5.64 17.47 -23.40
N LEU B 248 -6.52 16.83 -22.61
CA LEU B 248 -7.22 17.53 -21.51
C LEU B 248 -6.28 18.04 -20.43
N ALA B 249 -5.38 17.17 -19.97
CA ALA B 249 -4.37 17.55 -18.97
C ALA B 249 -3.56 18.76 -19.44
N ASP B 250 -3.24 18.75 -20.74
CA ASP B 250 -2.44 19.78 -21.38
C ASP B 250 -3.21 21.11 -21.45
N GLU B 251 -4.44 21.05 -21.96
CA GLU B 251 -5.26 22.24 -22.21
C GLU B 251 -5.88 22.82 -20.93
N LEU B 252 -6.13 21.97 -19.94
CA LEU B 252 -6.67 22.41 -18.66
C LEU B 252 -5.57 22.82 -17.66
N GLU B 253 -4.32 22.78 -18.13
CA GLU B 253 -3.13 23.08 -17.30
C GLU B 253 -3.15 22.33 -15.95
N LEU B 254 -3.38 21.03 -16.06
CA LEU B 254 -3.56 20.16 -14.92
C LEU B 254 -2.35 20.11 -13.99
N VAL B 255 -2.60 20.23 -12.70
CA VAL B 255 -1.65 19.79 -11.70
C VAL B 255 -2.41 18.85 -10.78
N GLY B 256 -1.88 17.65 -10.59
CA GLY B 256 -2.56 16.65 -9.80
C GLY B 256 -3.23 15.60 -10.68
N THR B 257 -4.39 15.14 -10.22
CA THR B 257 -5.09 14.03 -10.82
C THR B 257 -6.29 14.54 -11.58
N LEU B 258 -6.52 13.97 -12.76
CA LEU B 258 -7.74 14.19 -13.51
C LEU B 258 -8.33 12.87 -14.00
N ALA B 259 -9.55 12.55 -13.56
CA ALA B 259 -10.26 11.39 -14.05
C ALA B 259 -11.20 11.82 -15.18
N VAL B 260 -11.09 11.14 -16.32
CA VAL B 260 -11.87 11.50 -17.51
C VAL B 260 -12.79 10.34 -17.84
N GLU B 261 -14.09 10.55 -17.73
CA GLU B 261 -15.07 9.51 -18.03
C GLU B 261 -15.56 9.70 -19.46
N MET B 262 -15.69 8.60 -20.18
CA MET B 262 -15.95 8.61 -21.63
C MET B 262 -16.98 7.59 -22.07
N PHE B 263 -17.52 7.83 -23.27
CA PHE B 263 -18.42 6.92 -23.94
C PHE B 263 -17.74 6.47 -25.23
N ALA B 264 -17.69 5.16 -25.43
CA ALA B 264 -17.12 4.61 -26.64
C ALA B 264 -18.24 3.97 -27.45
N THR B 265 -18.41 4.42 -28.69
CA THR B 265 -19.49 3.95 -29.56
C THR B 265 -19.01 2.78 -30.43
N ALA B 266 -19.97 2.08 -31.03
CA ALA B 266 -19.69 0.91 -31.87
C ALA B 266 -18.72 1.22 -33.01
N ASP B 267 -18.77 2.46 -33.51
CA ASP B 267 -17.98 2.86 -34.67
C ASP B 267 -16.63 3.51 -34.33
N GLY B 268 -16.19 3.37 -33.08
CA GLY B 268 -14.85 3.82 -32.69
C GLY B 268 -14.68 5.26 -32.25
N GLU B 269 -15.79 5.98 -32.06
CA GLU B 269 -15.70 7.35 -31.54
C GLU B 269 -15.83 7.44 -30.01
N ILE B 270 -15.13 8.41 -29.43
CA ILE B 270 -15.19 8.65 -27.99
C ILE B 270 -15.81 10.00 -27.66
N TYR B 271 -16.83 10.00 -26.81
CA TYR B 271 -17.39 11.23 -26.25
C TYR B 271 -16.95 11.39 -24.80
N ILE B 272 -16.53 12.60 -24.43
CA ILE B 272 -16.19 12.92 -23.04
C ILE B 272 -17.48 13.17 -22.24
N ASN B 273 -17.72 12.32 -21.25
CA ASN B 273 -18.87 12.47 -20.35
C ASN B 273 -18.62 13.53 -19.26
N GLU B 274 -17.66 13.25 -18.38
CA GLU B 274 -17.37 14.16 -17.29
C GLU B 274 -15.95 14.05 -16.80
N LEU B 275 -15.53 15.08 -16.07
CA LEU B 275 -14.19 15.20 -15.56
C LEU B 275 -14.25 15.34 -14.04
N ALA B 276 -13.31 14.70 -13.35
CA ALA B 276 -13.17 14.88 -11.91
C ALA B 276 -11.72 15.22 -11.58
N PRO B 277 -11.48 16.37 -10.92
CA PRO B 277 -10.13 16.84 -10.64
C PRO B 277 -9.58 16.24 -9.34
N ARG B 278 -9.64 14.92 -9.25
CA ARG B 278 -9.26 14.18 -8.05
C ARG B 278 -9.13 12.71 -8.39
N PRO B 279 -8.50 11.92 -7.49
CA PRO B 279 -8.61 10.48 -7.62
C PRO B 279 -10.09 10.10 -7.67
N HIS B 280 -10.39 9.08 -8.45
CA HIS B 280 -11.75 8.77 -8.78
C HIS B 280 -12.00 7.31 -8.48
N ASN B 281 -13.26 6.98 -8.24
CA ASN B 281 -13.67 5.61 -7.93
C ASN B 281 -13.25 4.61 -9.02
N SER B 282 -13.25 5.06 -10.28
CA SER B 282 -12.85 4.17 -11.40
C SER B 282 -11.35 3.90 -11.47
N GLY B 283 -10.58 4.58 -10.61
CA GLY B 283 -9.14 4.35 -10.51
C GLY B 283 -8.66 3.56 -9.31
N HIS B 284 -9.58 3.02 -8.51
CA HIS B 284 -9.18 2.26 -7.29
C HIS B 284 -8.49 0.93 -7.63
N TYR B 285 -8.73 0.40 -8.83
CA TYR B 285 -8.01 -0.81 -9.29
C TYR B 285 -6.51 -0.66 -9.19
N THR B 286 -6.03 0.59 -9.33
CA THR B 286 -4.60 0.87 -9.41
C THR B 286 -3.86 0.55 -8.11
N GLN B 287 -4.58 0.37 -7.00
CA GLN B 287 -3.94 0.07 -5.72
C GLN B 287 -3.32 -1.32 -5.71
N ASP B 288 -3.90 -2.24 -6.47
CA ASP B 288 -3.39 -3.60 -6.44
C ASP B 288 -2.84 -4.09 -7.78
N ALA B 289 -3.17 -3.38 -8.87
CA ALA B 289 -2.85 -3.89 -10.21
C ALA B 289 -1.79 -3.09 -10.99
N CYS B 290 -1.49 -1.89 -10.52
CA CYS B 290 -0.49 -1.04 -11.19
C CYS B 290 0.75 -0.85 -10.34
N GLU B 291 1.83 -0.43 -11.00
CA GLU B 291 3.10 -0.19 -10.35
C GLU B 291 2.99 0.94 -9.31
N THR B 292 2.18 1.96 -9.62
CA THR B 292 1.89 3.05 -8.68
C THR B 292 0.37 3.21 -8.63
N SER B 293 -0.19 3.45 -7.45
CA SER B 293 -1.64 3.75 -7.34
C SER B 293 -1.90 5.21 -7.73
N GLN B 294 -3.15 5.53 -8.05
CA GLN B 294 -3.55 6.90 -8.33
C GLN B 294 -3.32 7.81 -7.10
N PHE B 295 -3.39 7.22 -5.92
CA PHE B 295 -3.16 7.96 -4.69
C PHE B 295 -1.69 8.33 -4.50
N GLY B 296 -0.79 7.37 -4.73
CA GLY B 296 0.67 7.66 -4.68
C GLY B 296 1.07 8.65 -5.76
N GLN B 297 0.45 8.49 -6.94
CA GLN B 297 0.70 9.41 -8.04
C GLN B 297 0.20 10.83 -7.74
N HIS B 298 -0.98 10.94 -7.13
CA HIS B 298 -1.51 12.26 -6.72
C HIS B 298 -0.56 12.98 -5.76
N ILE B 299 -0.12 12.28 -4.72
CA ILE B 299 0.88 12.80 -3.80
C ILE B 299 2.18 13.23 -4.50
N ARG B 300 2.72 12.38 -5.37
CA ARG B 300 3.94 12.72 -6.11
C ARG B 300 3.74 13.92 -7.03
N ALA B 301 2.53 14.06 -7.58
CA ALA B 301 2.24 15.17 -8.50
C ALA B 301 2.28 16.52 -7.81
N ILE B 302 1.55 16.68 -6.70
CA ILE B 302 1.47 17.94 -5.97
C ILE B 302 2.75 18.25 -5.19
N CYS B 303 3.51 17.22 -4.82
CA CYS B 303 4.80 17.40 -4.13
C CYS B 303 5.94 17.64 -5.10
N ASN B 304 5.67 17.43 -6.39
CA ASN B 304 6.63 17.57 -7.47
C ASN B 304 7.82 16.58 -7.43
N LEU B 305 7.51 15.35 -7.02
CA LEU B 305 8.47 14.24 -7.15
C LEU B 305 8.31 13.58 -8.52
N PRO B 306 9.33 12.81 -8.96
CA PRO B 306 9.10 12.04 -10.18
C PRO B 306 7.90 11.11 -10.00
N LEU B 307 7.08 11.02 -11.04
CA LEU B 307 5.92 10.15 -11.03
C LEU B 307 6.38 8.70 -11.14
N GLY B 308 5.59 7.80 -10.56
CA GLY B 308 5.84 6.36 -10.70
C GLY B 308 5.31 5.84 -12.01
N GLU B 309 5.63 4.60 -12.33
CA GLU B 309 5.17 3.99 -13.58
C GLU B 309 3.71 3.58 -13.42
N THR B 310 2.99 3.50 -14.53
CA THR B 310 1.57 3.21 -14.48
C THR B 310 1.21 1.90 -15.20
N ASN B 311 2.20 1.05 -15.44
CA ASN B 311 1.99 -0.22 -16.14
C ASN B 311 0.99 -1.07 -15.40
N LEU B 312 0.09 -1.70 -16.14
CA LEU B 312 -0.77 -2.70 -15.58
C LEU B 312 0.05 -3.98 -15.36
N LEU B 313 0.14 -4.41 -14.11
CA LEU B 313 0.96 -5.57 -13.76
C LEU B 313 0.17 -6.88 -13.75
N LYS B 314 -1.14 -6.77 -13.63
CA LYS B 314 -2.03 -7.92 -13.65
C LYS B 314 -3.45 -7.42 -13.94
N PRO B 315 -4.20 -8.14 -14.81
CA PRO B 315 -5.59 -7.76 -15.08
C PRO B 315 -6.43 -7.79 -13.80
N VAL B 316 -7.50 -6.99 -13.77
CA VAL B 316 -8.18 -6.67 -12.54
C VAL B 316 -9.64 -6.24 -12.73
N VAL B 317 -10.52 -6.75 -11.86
CA VAL B 317 -11.86 -6.18 -11.70
C VAL B 317 -12.01 -5.58 -10.31
N MET B 318 -12.27 -4.27 -10.26
CA MET B 318 -12.66 -3.62 -9.00
C MET B 318 -14.19 -3.67 -8.84
N VAL B 319 -14.67 -4.09 -7.67
CA VAL B 319 -16.10 -4.11 -7.35
C VAL B 319 -16.37 -3.25 -6.12
N ASN B 320 -17.33 -2.33 -6.22
CA ASN B 320 -17.71 -1.47 -5.11
C ASN B 320 -18.45 -2.23 -4.03
N ILE B 321 -18.17 -1.87 -2.77
CA ILE B 321 -18.89 -2.39 -1.63
C ILE B 321 -19.69 -1.22 -1.08
N LEU B 322 -21.00 -1.27 -1.27
CA LEU B 322 -21.90 -0.26 -0.73
C LEU B 322 -22.41 -0.73 0.63
N GLY B 323 -23.13 0.15 1.31
CA GLY B 323 -23.74 -0.15 2.60
C GLY B 323 -24.58 -1.40 2.55
N GLU B 324 -25.25 -1.61 1.41
CA GLU B 324 -26.06 -2.81 1.21
C GLU B 324 -25.21 -4.09 1.10
N HIS B 325 -23.91 -3.95 0.86
CA HIS B 325 -23.05 -5.11 0.59
C HIS B 325 -22.20 -5.55 1.77
N ILE B 326 -22.02 -4.65 2.74
CA ILE B 326 -20.99 -4.83 3.78
C ILE B 326 -21.23 -6.06 4.67
N GLU B 327 -22.49 -6.33 5.03
CA GLU B 327 -22.83 -7.51 5.80
C GLU B 327 -22.42 -8.77 5.02
N GLY B 328 -22.77 -8.81 3.74
CA GLY B 328 -22.39 -9.92 2.87
C GLY B 328 -20.88 -10.09 2.71
N VAL B 329 -20.16 -8.97 2.62
CA VAL B 329 -18.69 -9.03 2.56
C VAL B 329 -18.13 -9.66 3.83
N LEU B 330 -18.53 -9.14 4.98
CA LEU B 330 -18.04 -9.62 6.28
C LEU B 330 -18.37 -11.09 6.50
N ARG B 331 -19.57 -11.49 6.08
CA ARG B 331 -20.02 -12.89 6.17
C ARG B 331 -19.26 -13.83 5.24
N GLN B 332 -18.79 -13.29 4.11
CA GLN B 332 -18.11 -14.11 3.12
C GLN B 332 -16.60 -13.87 3.06
N VAL B 333 -16.00 -13.29 4.11
CA VAL B 333 -14.54 -13.00 4.08
C VAL B 333 -13.70 -14.24 3.78
N ASN B 334 -14.17 -15.40 4.23
CA ASN B 334 -13.59 -16.72 3.97
C ASN B 334 -13.40 -17.05 2.49
N ARG B 335 -14.25 -16.45 1.64
CA ARG B 335 -14.31 -16.82 0.24
C ARG B 335 -13.49 -15.89 -0.67
N LEU B 336 -12.75 -14.97 -0.05
CA LEU B 336 -12.11 -13.89 -0.81
C LEU B 336 -10.68 -14.17 -1.31
N THR B 337 -10.38 -15.43 -1.65
CA THR B 337 -9.13 -15.74 -2.33
C THR B 337 -9.02 -14.94 -3.63
N GLY B 338 -7.80 -14.44 -3.88
CA GLY B 338 -7.49 -13.65 -5.08
C GLY B 338 -8.14 -12.28 -5.09
N CYS B 339 -8.71 -11.91 -3.94
CA CYS B 339 -9.41 -10.65 -3.80
C CYS B 339 -8.65 -9.78 -2.82
N TYR B 340 -8.59 -8.48 -3.10
CA TYR B 340 -7.84 -7.56 -2.28
C TYR B 340 -8.82 -6.51 -1.75
N LEU B 341 -9.11 -6.63 -0.46
CA LEU B 341 -10.17 -5.89 0.22
C LEU B 341 -9.68 -4.57 0.79
N HIS B 342 -10.46 -3.52 0.56
CA HIS B 342 -10.16 -2.19 1.07
C HIS B 342 -11.44 -1.71 1.71
N LEU B 343 -11.37 -1.38 2.99
CA LEU B 343 -12.53 -0.85 3.69
C LEU B 343 -12.17 0.47 4.35
N TYR B 344 -13.09 1.43 4.25
CA TYR B 344 -12.75 2.83 4.52
C TYR B 344 -12.93 3.31 5.95
N GLY B 345 -13.39 2.44 6.85
CA GLY B 345 -13.55 2.81 8.26
C GLY B 345 -14.73 3.73 8.58
N LYS B 346 -15.71 3.78 7.68
CA LYS B 346 -16.94 4.52 7.95
C LYS B 346 -17.82 3.71 8.91
N GLU B 347 -18.38 4.36 9.92
CA GLU B 347 -19.12 3.64 10.97
C GLU B 347 -20.55 3.26 10.57
N GLU B 348 -21.30 4.22 10.03
CA GLU B 348 -22.68 3.97 9.63
C GLU B 348 -22.79 3.52 8.17
N ALA B 349 -23.44 2.38 7.99
CA ALA B 349 -23.79 1.92 6.66
C ALA B 349 -25.13 2.54 6.27
N LYS B 350 -25.19 3.07 5.04
CA LYS B 350 -26.45 3.41 4.40
C LYS B 350 -26.44 2.68 3.07
N ALA B 351 -27.61 2.23 2.62
CA ALA B 351 -27.75 1.37 1.43
C ALA B 351 -26.76 1.67 0.30
N GLN B 352 -26.65 2.94 -0.08
CA GLN B 352 -25.88 3.34 -1.26
C GLN B 352 -24.56 4.04 -0.94
N ARG B 353 -24.22 4.12 0.34
CA ARG B 353 -22.97 4.73 0.78
C ARG B 353 -21.78 3.83 0.42
N LYS B 354 -20.73 4.45 -0.11
CA LYS B 354 -19.52 3.70 -0.48
C LYS B 354 -18.69 3.37 0.77
N MET B 355 -18.65 2.08 1.11
CA MET B 355 -18.02 1.56 2.32
C MET B 355 -16.62 0.98 2.08
N GLY B 356 -16.38 0.54 0.85
CA GLY B 356 -15.13 -0.12 0.47
C GLY B 356 -15.14 -0.55 -0.98
N HIS B 357 -14.08 -1.25 -1.38
CA HIS B 357 -14.02 -1.85 -2.71
C HIS B 357 -13.16 -3.09 -2.60
N VAL B 358 -13.32 -4.01 -3.54
CA VAL B 358 -12.46 -5.17 -3.58
C VAL B 358 -11.84 -5.26 -4.97
N ASN B 359 -10.52 -5.43 -5.01
CA ASN B 359 -9.83 -5.62 -6.28
C ASN B 359 -9.59 -7.10 -6.53
N ILE B 360 -10.15 -7.61 -7.62
CA ILE B 360 -10.02 -9.04 -7.94
C ILE B 360 -9.00 -9.19 -9.05
N LEU B 361 -7.85 -9.78 -8.70
CA LEU B 361 -6.74 -9.97 -9.64
C LEU B 361 -6.79 -11.39 -10.23
N ASN B 362 -6.70 -11.47 -11.55
CA ASN B 362 -6.59 -12.75 -12.23
C ASN B 362 -5.92 -12.56 -13.56
N ASP B 363 -5.17 -13.58 -13.99
CA ASP B 363 -4.58 -13.58 -15.34
C ASP B 363 -5.69 -13.48 -16.42
N ASN B 364 -6.87 -14.01 -16.10
CA ASN B 364 -8.00 -13.95 -17.00
C ASN B 364 -9.14 -13.09 -16.46
N ILE B 365 -9.37 -11.97 -17.14
CA ILE B 365 -10.39 -11.00 -16.76
C ILE B 365 -11.79 -11.63 -16.59
N GLU B 366 -12.13 -12.60 -17.45
CA GLU B 366 -13.41 -13.31 -17.34
C GLU B 366 -13.52 -14.19 -16.09
N VAL B 367 -12.40 -14.73 -15.61
CA VAL B 367 -12.40 -15.51 -14.37
C VAL B 367 -12.62 -14.61 -13.14
N ALA B 368 -12.05 -13.40 -13.18
CA ALA B 368 -12.27 -12.41 -12.13
C ALA B 368 -13.76 -12.02 -12.06
N LEU B 369 -14.35 -11.75 -13.24
CA LEU B 369 -15.77 -11.40 -13.35
C LEU B 369 -16.68 -12.50 -12.82
N GLU B 370 -16.33 -13.76 -13.13
CA GLU B 370 -17.08 -14.90 -12.60
C GLU B 370 -16.94 -15.01 -11.08
N LYS B 371 -15.75 -14.69 -10.56
CA LYS B 371 -15.51 -14.69 -9.12
C LYS B 371 -16.50 -13.76 -8.38
N ALA B 372 -16.70 -12.56 -8.91
CA ALA B 372 -17.61 -11.58 -8.29
C ALA B 372 -19.05 -12.09 -8.22
N LYS B 373 -19.50 -12.70 -9.32
CA LYS B 373 -20.82 -13.35 -9.40
C LYS B 373 -20.94 -14.51 -8.44
N SER B 374 -19.92 -15.38 -8.38
CA SER B 374 -19.98 -16.58 -7.53
C SER B 374 -20.05 -16.25 -6.04
N LEU B 375 -19.59 -15.05 -5.67
CA LEU B 375 -19.68 -14.59 -4.29
C LEU B 375 -21.12 -14.24 -3.87
N HIS B 376 -21.95 -13.93 -4.87
CA HIS B 376 -23.37 -13.58 -4.70
C HIS B 376 -23.65 -12.35 -3.82
N ILE B 377 -22.58 -11.68 -3.37
CA ILE B 377 -22.67 -10.45 -2.59
C ILE B 377 -23.42 -9.36 -3.36
N TRP B 378 -23.14 -9.25 -4.65
CA TRP B 378 -23.70 -8.21 -5.49
C TRP B 378 -24.84 -8.72 -6.39
N ASP B 379 -25.68 -9.61 -5.85
CA ASP B 379 -26.83 -10.15 -6.60
C ASP B 379 -27.84 -9.08 -7.02
N HIS B 380 -27.96 -8.03 -6.21
CA HIS B 380 -28.84 -6.90 -6.52
C HIS B 380 -28.41 -6.15 -7.80
N GLN B 381 -27.11 -5.92 -7.95
CA GLN B 381 -26.55 -5.26 -9.14
C GLN B 381 -26.62 -6.18 -10.36
N GLU B 382 -26.23 -7.44 -10.19
CA GLU B 382 -26.25 -8.42 -11.28
C GLU B 382 -27.70 -8.67 -11.72
N GLN B 383 -28.64 -8.25 -10.88
CA GLN B 383 -30.09 -8.29 -11.14
C GLN B 383 -30.63 -9.71 -11.12
#